data_9J05
#
_entry.id   9J05
#
_cell.length_a   1.00
_cell.length_b   1.00
_cell.length_c   1.00
_cell.angle_alpha   90.00
_cell.angle_beta   90.00
_cell.angle_gamma   90.00
#
_symmetry.space_group_name_H-M   'P 1'
#
loop_
_entity.id
_entity.type
_entity.pdbx_description
1 polymer 'P2Y purinoceptor 14,Soluble cytochrome b562'
2 polymer 'Antibody 1b3 Fab Heavy chain'
3 polymer 'Antibody 1b3 Fab Light chain'
#
loop_
_entity_poly.entity_id
_entity_poly.type
_entity_poly.pdbx_seq_one_letter_code
_entity_poly.pdbx_strand_id
1 'polypeptide(L)'
;SFVIKKPINIPDYSYRPTIGRGSMKTIIALSYIFCLVFAHHHHHHHHHHDYKDDDDKLEVLFQGPAINSTSTQPPDESCS
QNLLITQQIIPVLYCMVFIAGILLNGVSGWIFFYVPSSKSFIIYLKNIVIADFVMSLTFPFKILGDSGLGPWQLNVFVCR
VSAVLFYVNMYVSIVFFGLISFDRYYKIVKPLWTSFIQSVSYSKLLSVIVWMLMLLLAVPNIILTNQSVREVTQIKCIEL
KSELGRKWHKASNYIFVAIFWIVFLLLIVFYTAITKKIFKSHADLEDNWETLNDNLKVIEKADNAAQVKDALTKMRAAAL
DAQKASGSGSPEMKDFRHGFDILVGQIDDALKLANEGKVKEAQAAAEQLKTTRNAYIQKYLSVKKKSSRNIFSIVFVFFV
CFVPYHIARIPYTKSQTEAHYSCQSKEILRYMKEFTLLLSAANVCLDPIIYFFLCQPFREILCKKLKIAALKEKIAALKE
KIAALKEAEEKRASRLEEELRRRLTE
;
A
2 'polypeptide(L)'
;MLLVNQSHQGFNKEHTSKMVSAIVLYVLLAAAAHSAFAMHHHHHHHHHHLEVLFQGPEISEVQLVESGGGLVQPGGSLRL
SCAASGFNIYYSSMHWVRQAPGKGLEWVASISPYSGSTYYADSVKGRFTISADTSKNTAYLQMNSLRAEDTAVYYCARPW
YPWSYWSGLDYWGQGTLVTVSSASTKGPSVFPLAPSSKSTSGGTAALGCLVKDYFPEPVTVSWNSGALTSGVHTFPAVLQ
SSGLYSLSSVVTVPSSSLGTQTYICNVNHKPSNTKVDKKVEPKS
;
B
3 'polypeptide(L)'
;MLLVNQSHQGFNKEHTSKMVSAIVLYVLLAAAAHSAFASDIQMTQSPSSLSASVGDRVTITCRASQSVSSAVAWYQQKPG
KAPKLLIYSASSLYSGVPSRFSGSRSGTDFTLTISSLQPEDFATYYCQQPWSWGSALITFGQGTKVEIKRTVAAPSVFIF
PPSDSQLKSGTASVVCLLNNFYPREAKVQWKVDNALQSGNSQESVTEQDSKDSTYSLSSTLTLSKADYEKHKVYACEVTH
QGLSSPVTKSFNRGEC
;
C
#
# COMPACT_ATOMS: atom_id res chain seq x y z
N ILE A 85 -18.87 53.95 -20.63
CA ILE A 85 -18.37 53.18 -19.51
C ILE A 85 -17.47 52.04 -20.01
N THR A 86 -17.12 52.11 -21.29
CA THR A 86 -16.26 51.07 -21.87
C THR A 86 -14.86 51.10 -21.26
N GLN A 87 -14.32 52.30 -21.03
CA GLN A 87 -12.95 52.40 -20.55
C GLN A 87 -12.84 52.09 -19.06
N GLN A 88 -13.94 52.14 -18.32
CA GLN A 88 -13.87 51.96 -16.87
C GLN A 88 -14.35 50.58 -16.40
N ILE A 89 -15.27 49.95 -17.13
CA ILE A 89 -15.81 48.67 -16.66
C ILE A 89 -14.75 47.58 -16.73
N ILE A 90 -13.95 47.55 -17.80
CA ILE A 90 -12.95 46.51 -18.02
C ILE A 90 -11.95 46.48 -16.87
N PRO A 91 -11.39 47.61 -16.42
CA PRO A 91 -10.60 47.56 -15.17
C PRO A 91 -11.43 47.17 -13.96
N VAL A 92 -12.72 47.48 -13.96
CA VAL A 92 -13.56 47.23 -12.79
C VAL A 92 -13.98 45.77 -12.67
N LEU A 93 -14.32 45.11 -13.77
CA LEU A 93 -14.89 43.76 -13.69
C LEU A 93 -13.91 42.69 -14.16
N TYR A 94 -13.46 42.79 -15.41
CA TYR A 94 -12.56 41.77 -15.94
C TYR A 94 -11.23 41.77 -15.22
N CYS A 95 -10.65 42.96 -14.99
CA CYS A 95 -9.36 43.04 -14.33
C CYS A 95 -9.44 42.52 -12.90
N MET A 96 -10.53 42.84 -12.18
CA MET A 96 -10.67 42.38 -10.81
C MET A 96 -10.76 40.86 -10.74
N VAL A 97 -11.56 40.26 -11.62
CA VAL A 97 -11.69 38.81 -11.63
C VAL A 97 -10.37 38.14 -11.99
N PHE A 98 -9.67 38.70 -12.99
CA PHE A 98 -8.39 38.14 -13.39
C PHE A 98 -7.36 38.25 -12.26
N ILE A 99 -7.36 39.37 -11.55
CA ILE A 99 -6.43 39.56 -10.43
C ILE A 99 -6.76 38.60 -9.29
N ALA A 100 -8.05 38.32 -9.08
CA ALA A 100 -8.43 37.32 -8.09
C ALA A 100 -7.97 35.93 -8.52
N GLY A 101 -8.03 35.64 -9.82
CA GLY A 101 -7.71 34.30 -10.28
C GLY A 101 -6.22 34.03 -10.39
N ILE A 102 -5.41 35.07 -10.62
CA ILE A 102 -3.98 34.83 -10.81
C ILE A 102 -3.31 34.34 -9.54
N LEU A 103 -3.75 34.83 -8.38
CA LEU A 103 -3.12 34.45 -7.13
C LEU A 103 -3.42 33.01 -6.75
N LEU A 104 -4.48 32.42 -7.31
CA LEU A 104 -4.92 31.09 -6.90
C LEU A 104 -4.66 30.02 -7.95
N ASN A 105 -4.91 30.31 -9.23
CA ASN A 105 -4.81 29.29 -10.26
C ASN A 105 -3.39 28.76 -10.39
N GLY A 106 -2.42 29.67 -10.50
CA GLY A 106 -1.04 29.23 -10.63
C GLY A 106 -0.53 28.50 -9.40
N VAL A 107 -0.91 28.99 -8.21
CA VAL A 107 -0.49 28.35 -6.97
C VAL A 107 -1.05 26.93 -6.89
N SER A 108 -2.31 26.73 -7.29
CA SER A 108 -2.90 25.40 -7.26
C SER A 108 -2.41 24.50 -8.39
N GLY A 109 -1.97 25.07 -9.52
CA GLY A 109 -1.54 24.26 -10.64
C GLY A 109 -0.05 23.94 -10.66
N TRP A 110 0.74 24.67 -9.88
CA TRP A 110 2.18 24.43 -9.86
C TRP A 110 2.55 23.17 -9.08
N ILE A 111 1.62 22.61 -8.31
CA ILE A 111 1.93 21.46 -7.47
C ILE A 111 2.23 20.23 -8.34
N PHE A 112 1.50 20.07 -9.43
CA PHE A 112 1.64 18.88 -10.27
C PHE A 112 2.92 18.88 -11.09
N PHE A 113 3.67 19.98 -11.10
CA PHE A 113 4.87 20.08 -11.93
C PHE A 113 5.98 19.13 -11.52
N TYR A 114 5.96 18.60 -10.30
CA TYR A 114 7.01 17.68 -9.87
C TYR A 114 7.01 16.39 -10.69
N VAL A 115 5.86 15.73 -10.78
CA VAL A 115 5.69 14.49 -11.54
C VAL A 115 6.77 13.46 -11.20
N PRO A 116 6.93 13.03 -9.92
CA PRO A 116 7.92 12.02 -9.59
C PRO A 116 7.24 10.70 -9.87
N SER A 117 6.32 10.71 -10.83
CA SER A 117 5.54 9.48 -11.13
C SER A 117 5.43 9.28 -12.64
N SER A 118 4.91 8.13 -13.08
CA SER A 118 4.68 7.84 -14.54
C SER A 118 5.98 7.69 -15.33
N LYS A 119 5.85 7.36 -16.62
CA LYS A 119 7.03 7.24 -17.51
C LYS A 119 6.52 7.40 -18.95
N SER A 120 5.59 6.56 -19.37
CA SER A 120 4.99 6.67 -20.72
C SER A 120 3.48 6.46 -20.66
N PHE A 121 2.83 6.85 -19.55
CA PHE A 121 1.38 6.72 -19.53
C PHE A 121 0.67 8.02 -19.17
N ILE A 122 1.22 8.81 -18.24
CA ILE A 122 0.57 10.01 -17.72
C ILE A 122 1.03 11.27 -18.43
N ILE A 123 2.16 11.23 -19.14
CA ILE A 123 2.88 12.43 -19.60
C ILE A 123 1.98 13.46 -20.27
N TYR A 124 0.83 13.06 -20.81
CA TYR A 124 -0.10 14.05 -21.35
C TYR A 124 -0.55 15.01 -20.25
N LEU A 125 -0.81 14.48 -19.05
CA LEU A 125 -1.19 15.32 -17.93
C LEU A 125 -0.08 16.30 -17.59
N LYS A 126 1.18 15.85 -17.61
CA LYS A 126 2.29 16.74 -17.32
C LYS A 126 2.43 17.83 -18.37
N ASN A 127 2.17 17.50 -19.64
CA ASN A 127 2.18 18.51 -20.69
C ASN A 127 1.09 19.55 -20.45
N ILE A 128 -0.10 19.11 -20.04
CA ILE A 128 -1.15 20.06 -19.71
C ILE A 128 -0.74 20.91 -18.50
N VAL A 129 -0.01 20.29 -17.54
CA VAL A 129 0.46 21.04 -16.38
C VAL A 129 1.38 22.16 -16.81
N ILE A 130 2.35 21.86 -17.69
CA ILE A 130 3.30 22.90 -18.06
C ILE A 130 2.62 23.98 -18.91
N ALA A 131 1.70 23.59 -19.79
CA ALA A 131 0.96 24.59 -20.56
C ALA A 131 0.16 25.51 -19.64
N ASP A 132 -0.53 24.93 -18.65
CA ASP A 132 -1.32 25.71 -17.72
C ASP A 132 -0.44 26.62 -16.86
N PHE A 133 0.73 26.12 -16.46
CA PHE A 133 1.66 26.93 -15.68
C PHE A 133 2.14 28.14 -16.47
N VAL A 134 2.46 27.93 -17.75
CA VAL A 134 2.85 29.06 -18.59
C VAL A 134 1.68 30.03 -18.75
N MET A 135 0.46 29.50 -18.89
CA MET A 135 -0.73 30.36 -18.94
C MET A 135 -0.80 31.27 -17.72
N SER A 136 -0.70 30.68 -16.53
CA SER A 136 -0.84 31.47 -15.31
C SER A 136 0.34 32.41 -15.10
N LEU A 137 1.54 32.01 -15.55
CA LEU A 137 2.70 32.88 -15.43
C LEU A 137 2.56 34.11 -16.33
N THR A 138 1.98 33.93 -17.52
CA THR A 138 1.76 35.04 -18.43
C THR A 138 0.52 35.86 -18.09
N PHE A 139 -0.38 35.34 -17.26
CA PHE A 139 -1.57 36.08 -16.88
C PHE A 139 -1.32 37.47 -16.29
N PRO A 140 -0.42 37.69 -15.32
CA PRO A 140 -0.38 38.99 -14.63
C PRO A 140 -0.24 40.20 -15.53
N PHE A 141 0.52 40.06 -16.63
CA PHE A 141 0.67 41.18 -17.56
C PHE A 141 -0.65 41.58 -18.21
N LYS A 142 -1.60 40.65 -18.34
CA LYS A 142 -2.90 40.99 -18.89
C LYS A 142 -3.63 42.01 -18.01
N ILE A 143 -3.65 41.77 -16.70
CA ILE A 143 -4.26 42.74 -15.79
C ILE A 143 -3.42 44.00 -15.72
N LEU A 144 -2.09 43.87 -15.80
CA LEU A 144 -1.24 45.04 -15.83
C LEU A 144 -1.59 45.95 -17.01
N GLY A 145 -1.96 45.35 -18.14
CA GLY A 145 -2.28 46.11 -19.34
C GLY A 145 -3.70 46.64 -19.39
N ASP A 146 -4.71 45.76 -19.27
CA ASP A 146 -6.08 46.19 -19.49
C ASP A 146 -6.63 47.09 -18.39
N SER A 147 -6.00 47.12 -17.22
CA SER A 147 -6.45 47.97 -16.14
C SER A 147 -5.87 49.38 -16.20
N GLY A 148 -5.00 49.66 -17.17
CA GLY A 148 -4.41 50.97 -17.29
C GLY A 148 -3.27 51.23 -16.32
N LEU A 149 -2.81 50.21 -15.59
CA LEU A 149 -1.73 50.42 -14.63
C LEU A 149 -0.38 50.54 -15.34
N GLY A 150 -0.19 49.84 -16.45
CA GLY A 150 1.07 49.84 -17.16
C GLY A 150 1.14 50.91 -18.23
N PRO A 151 2.34 51.32 -18.58
CA PRO A 151 2.52 52.34 -19.63
C PRO A 151 2.34 51.73 -21.01
N TRP A 152 2.61 52.57 -22.02
CA TRP A 152 2.45 52.14 -23.41
C TRP A 152 3.44 51.04 -23.76
N GLN A 153 4.65 51.07 -23.19
CA GLN A 153 5.61 50.00 -23.43
C GLN A 153 5.10 48.68 -22.89
N LEU A 154 4.49 48.70 -21.70
CA LEU A 154 3.90 47.49 -21.15
C LEU A 154 2.77 46.97 -22.03
N ASN A 155 1.95 47.88 -22.57
CA ASN A 155 0.87 47.46 -23.47
C ASN A 155 1.43 46.84 -24.74
N VAL A 156 2.51 47.41 -25.28
CA VAL A 156 3.13 46.85 -26.48
C VAL A 156 3.70 45.46 -26.18
N PHE A 157 4.34 45.31 -25.02
CA PHE A 157 4.87 43.99 -24.64
C PHE A 157 3.74 42.98 -24.46
N VAL A 158 2.62 43.41 -23.88
CA VAL A 158 1.47 42.51 -23.71
C VAL A 158 0.93 42.09 -25.06
N CYS A 159 0.79 43.03 -25.99
CA CYS A 159 0.26 42.72 -27.32
C CYS A 159 1.20 41.77 -28.06
N ARG A 160 2.50 42.02 -27.99
CA ARG A 160 3.46 41.25 -28.78
C ARG A 160 3.72 39.87 -28.19
N VAL A 161 3.77 39.74 -26.87
CA VAL A 161 4.28 38.53 -26.24
C VAL A 161 3.22 37.82 -25.41
N SER A 162 2.68 38.51 -24.40
CA SER A 162 1.86 37.83 -23.40
C SER A 162 0.60 37.24 -24.01
N ALA A 163 -0.07 37.98 -24.88
CA ALA A 163 -1.31 37.49 -25.48
C ALA A 163 -1.03 36.25 -26.34
N VAL A 164 0.02 36.30 -27.16
CA VAL A 164 0.35 35.18 -28.03
C VAL A 164 0.77 33.96 -27.19
N LEU A 165 1.58 34.19 -26.16
CA LEU A 165 2.05 33.08 -25.33
C LEU A 165 0.91 32.44 -24.54
N PHE A 166 -0.09 33.24 -24.15
CA PHE A 166 -1.26 32.68 -23.48
C PHE A 166 -2.14 31.91 -24.47
N TYR A 167 -2.33 32.47 -25.67
CA TYR A 167 -3.18 31.83 -26.66
C TYR A 167 -2.60 30.49 -27.12
N VAL A 168 -1.29 30.45 -27.39
CA VAL A 168 -0.69 29.20 -27.85
C VAL A 168 -0.81 28.13 -26.78
N ASN A 169 -0.62 28.49 -25.51
CA ASN A 169 -0.77 27.53 -24.43
C ASN A 169 -2.22 27.05 -24.28
N MET A 170 -3.19 27.95 -24.41
CA MET A 170 -4.59 27.53 -24.31
C MET A 170 -4.97 26.59 -25.46
N TYR A 171 -4.55 26.93 -26.68
CA TYR A 171 -4.90 26.13 -27.84
C TYR A 171 -4.05 24.86 -27.96
N VAL A 172 -2.98 24.73 -27.18
CA VAL A 172 -2.33 23.43 -27.05
C VAL A 172 -2.92 22.64 -25.90
N SER A 173 -3.46 23.34 -24.90
CA SER A 173 -4.14 22.66 -23.79
C SER A 173 -5.40 21.96 -24.27
N ILE A 174 -6.17 22.62 -25.15
CA ILE A 174 -7.35 21.96 -25.70
C ILE A 174 -6.96 20.74 -26.53
N VAL A 175 -5.86 20.86 -27.28
CA VAL A 175 -5.37 19.75 -28.09
C VAL A 175 -4.95 18.59 -27.21
N PHE A 176 -4.31 18.89 -26.08
CA PHE A 176 -3.86 17.83 -25.18
C PHE A 176 -5.03 17.20 -24.42
N PHE A 177 -6.08 17.98 -24.15
CA PHE A 177 -7.32 17.39 -23.66
C PHE A 177 -7.89 16.42 -24.70
N GLY A 178 -7.90 16.82 -25.96
CA GLY A 178 -8.36 15.92 -27.01
C GLY A 178 -7.49 14.68 -27.14
N LEU A 179 -6.19 14.82 -26.89
CA LEU A 179 -5.30 13.67 -26.98
C LEU A 179 -5.51 12.71 -25.81
N ILE A 180 -5.75 13.24 -24.60
CA ILE A 180 -6.14 12.40 -23.48
C ILE A 180 -7.44 11.68 -23.81
N SER A 181 -8.37 12.38 -24.46
CA SER A 181 -9.61 11.76 -24.89
C SER A 181 -9.35 10.65 -25.90
N PHE A 182 -8.40 10.86 -26.82
CA PHE A 182 -8.06 9.83 -27.79
C PHE A 182 -7.49 8.59 -27.10
N ASP A 183 -6.62 8.79 -26.13
CA ASP A 183 -6.07 7.67 -25.38
C ASP A 183 -7.18 6.91 -24.64
N ARG A 184 -8.10 7.67 -24.02
CA ARG A 184 -9.20 7.03 -23.29
C ARG A 184 -10.10 6.24 -24.23
N TYR A 185 -10.40 6.79 -25.40
CA TYR A 185 -11.20 6.09 -26.39
C TYR A 185 -10.51 4.80 -26.84
N TYR A 186 -9.24 4.92 -27.21
CA TYR A 186 -8.53 3.80 -27.82
C TYR A 186 -8.27 2.68 -26.82
N LYS A 187 -8.05 3.02 -25.54
CA LYS A 187 -7.65 1.99 -24.60
C LYS A 187 -8.83 1.28 -23.94
N ILE A 188 -10.07 1.72 -24.17
CA ILE A 188 -11.21 1.05 -23.54
C ILE A 188 -12.22 0.57 -24.59
N VAL A 189 -12.22 1.16 -25.78
CA VAL A 189 -13.28 0.80 -26.71
C VAL A 189 -12.86 -0.33 -27.65
N LYS A 190 -11.67 -0.25 -28.26
CA LYS A 190 -11.21 -1.29 -29.15
C LYS A 190 -9.84 -1.76 -28.67
N PRO A 191 -9.48 -3.02 -28.93
CA PRO A 191 -8.28 -3.58 -28.28
C PRO A 191 -6.98 -2.88 -28.64
N LEU A 192 -6.64 -2.80 -29.92
CA LEU A 192 -5.32 -2.33 -30.31
C LEU A 192 -5.43 -1.36 -31.48
N TRP A 193 -4.50 -0.41 -31.51
CA TRP A 193 -4.37 0.54 -32.61
C TRP A 193 -2.95 0.55 -33.15
N THR A 194 -1.98 0.26 -32.28
CA THR A 194 -0.56 0.18 -32.61
C THR A 194 0.02 1.53 -32.98
N SER A 195 1.31 1.73 -32.69
CA SER A 195 2.00 2.98 -33.00
C SER A 195 3.50 2.73 -32.88
N PHE A 196 4.28 3.77 -33.18
CA PHE A 196 5.73 3.68 -33.04
C PHE A 196 6.15 3.47 -31.59
N ILE A 197 5.45 4.08 -30.64
CA ILE A 197 5.73 3.94 -29.22
C ILE A 197 4.46 3.49 -28.52
N GLN A 198 4.59 2.47 -27.65
CA GLN A 198 3.48 1.94 -26.86
C GLN A 198 2.41 1.31 -27.74
N SER A 199 1.40 0.70 -27.11
CA SER A 199 0.33 0.02 -27.84
C SER A 199 -0.79 0.96 -28.25
N VAL A 200 -1.16 1.90 -27.38
CA VAL A 200 -2.26 2.81 -27.68
C VAL A 200 -1.84 3.88 -28.68
N SER A 201 -0.83 4.67 -28.34
CA SER A 201 -0.35 5.71 -29.23
C SER A 201 1.06 6.11 -28.80
N TYR A 202 1.78 6.74 -29.73
CA TYR A 202 3.14 7.21 -29.47
C TYR A 202 3.10 8.45 -28.57
N SER A 203 3.07 8.18 -27.27
CA SER A 203 2.89 9.26 -26.29
C SER A 203 4.05 10.25 -26.33
N LYS A 204 5.29 9.75 -26.27
CA LYS A 204 6.44 10.64 -26.25
C LYS A 204 6.56 11.41 -27.57
N LEU A 205 6.39 10.73 -28.69
CA LEU A 205 6.50 11.38 -29.99
C LEU A 205 5.44 12.44 -30.17
N LEU A 206 4.18 12.13 -29.83
CA LEU A 206 3.11 13.11 -29.96
C LEU A 206 3.34 14.29 -29.01
N SER A 207 3.79 14.02 -27.78
CA SER A 207 4.06 15.10 -26.84
C SER A 207 5.16 16.02 -27.36
N VAL A 208 6.21 15.46 -27.95
CA VAL A 208 7.28 16.29 -28.51
C VAL A 208 6.80 17.05 -29.73
N ILE A 209 5.94 16.44 -30.55
CA ILE A 209 5.61 17.02 -31.85
C ILE A 209 4.56 18.12 -31.70
N VAL A 210 3.56 17.91 -30.85
CA VAL A 210 2.45 18.85 -30.77
C VAL A 210 2.90 20.21 -30.27
N TRP A 211 3.72 20.23 -29.21
CA TRP A 211 4.20 21.49 -28.69
C TRP A 211 5.07 22.24 -29.69
N MET A 212 5.91 21.51 -30.43
CA MET A 212 6.72 22.15 -31.46
C MET A 212 5.85 22.71 -32.59
N LEU A 213 4.80 21.98 -32.98
CA LEU A 213 3.93 22.45 -34.05
C LEU A 213 3.07 23.63 -33.58
N MET A 214 2.83 23.73 -32.27
CA MET A 214 2.00 24.80 -31.74
C MET A 214 2.79 26.08 -31.47
N LEU A 215 3.99 25.94 -30.91
CA LEU A 215 4.75 27.12 -30.45
C LEU A 215 5.07 28.07 -31.60
N LEU A 216 5.62 27.54 -32.69
CA LEU A 216 6.07 28.36 -33.80
C LEU A 216 5.49 27.95 -35.15
N LEU A 217 5.19 26.67 -35.35
CA LEU A 217 4.64 26.23 -36.62
C LEU A 217 3.18 26.65 -36.79
N ALA A 218 2.50 26.97 -35.69
CA ALA A 218 1.12 27.44 -35.74
C ALA A 218 1.00 28.94 -35.57
N VAL A 219 1.85 29.57 -34.77
CA VAL A 219 1.84 31.01 -34.59
C VAL A 219 3.26 31.55 -34.78
N PRO A 220 3.67 31.82 -36.02
CA PRO A 220 5.02 32.37 -36.24
C PRO A 220 5.20 33.76 -35.66
N ASN A 221 4.10 34.45 -35.35
CA ASN A 221 4.17 35.83 -34.89
C ASN A 221 4.67 35.94 -33.46
N ILE A 222 5.99 35.86 -33.29
CA ILE A 222 6.62 36.09 -31.99
C ILE A 222 7.64 37.21 -32.16
N ILE A 223 8.53 37.05 -33.13
CA ILE A 223 9.47 38.09 -33.52
C ILE A 223 8.98 38.85 -34.75
N LEU A 224 8.02 38.27 -35.48
CA LEU A 224 7.40 38.91 -36.63
C LEU A 224 6.33 39.91 -36.24
N THR A 225 6.26 40.28 -34.96
CA THR A 225 5.27 41.23 -34.48
C THR A 225 5.96 42.49 -33.97
N ASN A 226 6.97 42.95 -34.70
CA ASN A 226 7.77 44.10 -34.27
C ASN A 226 7.01 45.41 -34.47
N GLN A 227 5.82 45.48 -33.86
CA GLN A 227 4.93 46.66 -34.05
C GLN A 227 4.50 46.71 -35.51
N SER A 228 3.77 47.77 -35.91
CA SER A 228 3.46 47.93 -37.36
C SER A 228 4.67 48.65 -37.97
N VAL A 229 5.87 48.26 -37.55
CA VAL A 229 7.13 48.96 -38.00
C VAL A 229 7.06 50.38 -37.44
N ARG A 230 6.24 50.60 -36.41
CA ARG A 230 6.07 51.96 -35.82
C ARG A 230 5.25 51.85 -34.52
N GLU A 231 5.63 52.62 -33.49
CA GLU A 231 4.87 52.62 -32.21
C GLU A 231 4.13 53.96 -32.09
N VAL A 232 4.15 54.57 -30.91
CA VAL A 232 3.50 55.90 -30.70
C VAL A 232 2.12 55.89 -31.37
N THR A 233 1.33 54.84 -31.15
CA THR A 233 -0.03 54.78 -31.71
C THR A 233 -1.00 54.98 -30.57
N GLN A 234 -1.76 56.08 -30.60
CA GLN A 234 -2.70 56.41 -29.49
C GLN A 234 -1.94 56.34 -28.15
N ILE A 235 -0.65 56.72 -28.15
CA ILE A 235 0.17 56.67 -26.92
C ILE A 235 -0.03 55.29 -26.25
N LYS A 236 -0.62 55.28 -25.06
CA LYS A 236 -0.82 54.01 -24.32
C LYS A 236 -1.97 53.23 -24.95
N CYS A 237 -2.97 53.93 -25.49
CA CYS A 237 -4.14 53.25 -26.09
C CYS A 237 -3.77 52.59 -27.42
N ILE A 238 -4.69 51.84 -28.03
CA ILE A 238 -4.44 51.15 -29.33
C ILE A 238 -3.00 50.61 -29.37
N GLU A 239 -2.58 49.89 -28.33
CA GLU A 239 -1.24 49.24 -28.35
C GLU A 239 -1.45 47.73 -28.51
N LEU A 240 -2.22 47.31 -29.53
CA LEU A 240 -2.51 45.87 -29.76
C LEU A 240 -2.53 45.61 -31.26
N LYS A 241 -3.34 46.38 -31.99
CA LYS A 241 -3.42 46.25 -33.45
C LYS A 241 -2.12 46.63 -34.16
N SER A 242 -1.08 47.01 -33.42
CA SER A 242 0.17 47.43 -34.06
C SER A 242 1.02 46.23 -34.45
N GLU A 243 0.99 45.86 -35.73
CA GLU A 243 1.76 44.73 -36.23
C GLU A 243 1.91 44.88 -37.74
N LEU A 244 3.07 44.47 -38.25
CA LEU A 244 3.41 44.62 -39.66
C LEU A 244 3.11 43.33 -40.40
N GLY A 245 3.51 43.31 -41.67
CA GLY A 245 3.49 42.07 -42.45
C GLY A 245 2.11 41.48 -42.66
N ARG A 246 1.14 42.30 -43.05
CA ARG A 246 -0.23 41.91 -43.41
C ARG A 246 -0.98 41.39 -42.18
N LYS A 247 -0.41 41.51 -40.98
CA LYS A 247 -0.98 40.98 -39.73
C LYS A 247 -1.61 39.60 -39.93
N TRP A 248 -0.78 38.62 -40.30
CA TRP A 248 -1.26 37.26 -40.53
C TRP A 248 -1.87 36.63 -39.28
N HIS A 249 -1.83 37.32 -38.15
CA HIS A 249 -2.45 36.86 -36.91
C HIS A 249 -3.92 36.52 -37.15
N LYS A 250 -4.60 37.31 -37.98
CA LYS A 250 -6.00 37.02 -38.30
C LYS A 250 -6.15 35.64 -38.92
N ALA A 251 -5.23 35.26 -39.80
CA ALA A 251 -5.23 33.89 -40.32
C ALA A 251 -4.87 32.89 -39.24
N SER A 252 -3.95 33.27 -38.35
CA SER A 252 -3.48 32.36 -37.30
C SER A 252 -4.47 32.21 -36.15
N ASN A 253 -5.30 33.22 -35.88
CA ASN A 253 -6.29 33.10 -34.81
C ASN A 253 -7.56 32.41 -35.26
N TYR A 254 -7.89 32.45 -36.55
CA TYR A 254 -9.01 31.65 -37.03
C TYR A 254 -8.70 30.17 -36.97
N ILE A 255 -7.53 29.76 -37.45
CA ILE A 255 -7.19 28.34 -37.44
C ILE A 255 -7.13 27.82 -36.01
N PHE A 256 -6.64 28.63 -35.07
CA PHE A 256 -6.65 28.24 -33.67
C PHE A 256 -8.06 27.92 -33.19
N VAL A 257 -9.06 28.67 -33.65
CA VAL A 257 -10.43 28.30 -33.35
C VAL A 257 -10.82 27.06 -34.13
N ALA A 258 -10.45 27.00 -35.42
CA ALA A 258 -10.92 25.93 -36.29
C ALA A 258 -10.50 24.56 -35.76
N ILE A 259 -9.22 24.42 -35.38
CA ILE A 259 -8.75 23.13 -34.88
C ILE A 259 -9.52 22.77 -33.60
N PHE A 260 -9.85 23.76 -32.79
CA PHE A 260 -10.68 23.52 -31.63
C PHE A 260 -12.01 22.91 -32.02
N TRP A 261 -12.64 23.46 -33.07
CA TRP A 261 -13.92 22.93 -33.51
C TRP A 261 -13.78 21.54 -34.09
N ILE A 262 -12.55 21.12 -34.39
CA ILE A 262 -12.30 19.70 -34.64
C ILE A 262 -12.23 18.95 -33.31
N VAL A 263 -11.35 19.41 -32.41
CA VAL A 263 -11.12 18.72 -31.15
C VAL A 263 -12.42 18.60 -30.37
N PHE A 264 -13.17 19.70 -30.26
CA PHE A 264 -14.47 19.65 -29.61
C PHE A 264 -15.37 18.61 -30.27
N LEU A 265 -15.48 18.66 -31.60
CA LEU A 265 -16.27 17.65 -32.29
C LEU A 265 -15.67 16.27 -32.12
N LEU A 266 -14.34 16.19 -31.99
CA LEU A 266 -13.73 14.91 -31.66
C LEU A 266 -14.27 14.39 -30.34
N LEU A 267 -14.37 15.26 -29.33
CA LEU A 267 -14.93 14.86 -28.05
C LEU A 267 -16.40 14.48 -28.17
N ILE A 268 -17.08 14.91 -29.24
CA ILE A 268 -18.43 14.44 -29.51
C ILE A 268 -18.46 12.99 -29.95
N VAL A 269 -17.33 12.49 -30.48
CA VAL A 269 -17.25 11.06 -30.92
C VAL A 269 -16.39 10.22 -29.96
N PHE A 270 -15.16 10.63 -29.63
CA PHE A 270 -14.36 9.86 -28.64
C PHE A 270 -15.23 9.65 -27.44
N TYR A 271 -15.53 10.71 -26.70
CA TYR A 271 -16.52 10.54 -25.59
C TYR A 271 -17.85 10.34 -26.30
N THR A 272 -18.90 9.82 -25.65
CA THR A 272 -20.19 9.42 -26.30
C THR A 272 -20.02 7.99 -26.80
N ALA A 273 -18.90 7.67 -27.46
CA ALA A 273 -18.65 6.25 -27.79
C ALA A 273 -18.11 5.61 -26.53
N ILE A 274 -17.48 6.43 -25.68
CA ILE A 274 -16.92 5.95 -24.39
C ILE A 274 -18.03 6.00 -23.33
N THR A 275 -19.21 6.53 -23.66
CA THR A 275 -20.28 6.43 -22.68
C THR A 275 -21.21 5.28 -23.05
N LYS A 276 -21.47 5.08 -24.34
CA LYS A 276 -22.26 3.93 -24.78
C LYS A 276 -21.59 2.63 -24.39
N LYS A 277 -20.28 2.52 -24.60
CA LYS A 277 -19.55 1.31 -24.25
C LYS A 277 -19.59 1.05 -22.74
N ILE A 278 -19.36 2.11 -21.95
CA ILE A 278 -19.38 1.95 -20.50
C ILE A 278 -20.77 1.57 -20.01
N PHE A 279 -21.81 2.20 -20.56
CA PHE A 279 -23.18 1.88 -20.18
C PHE A 279 -23.53 0.45 -20.55
N LYS A 280 -23.07 -0.01 -21.73
CA LYS A 280 -23.32 -1.39 -22.13
C LYS A 280 -22.62 -2.37 -21.18
N SER A 281 -21.38 -2.06 -20.80
CA SER A 281 -20.67 -2.92 -19.86
C SER A 281 -21.39 -3.00 -18.52
N HIS A 282 -21.82 -1.84 -18.00
CA HIS A 282 -22.54 -1.82 -16.73
C HIS A 282 -23.87 -2.55 -16.83
N ALA A 283 -24.59 -2.40 -17.95
CA ALA A 283 -25.85 -3.11 -18.12
C ALA A 283 -25.63 -4.62 -18.19
N ASP A 284 -24.57 -5.05 -18.87
CA ASP A 284 -24.26 -6.47 -18.92
C ASP A 284 -23.94 -7.01 -17.54
N LEU A 285 -23.16 -6.27 -16.76
CA LEU A 285 -22.85 -6.69 -15.39
C LEU A 285 -24.12 -6.77 -14.55
N GLU A 286 -24.99 -5.77 -14.67
CA GLU A 286 -26.22 -5.75 -13.88
C GLU A 286 -27.14 -6.91 -14.27
N ASP A 287 -27.22 -7.22 -15.56
CA ASP A 287 -28.05 -8.35 -16.00
C ASP A 287 -27.48 -9.66 -15.49
N ASN A 288 -26.15 -9.82 -15.56
CA ASN A 288 -25.52 -11.04 -15.07
C ASN A 288 -25.79 -11.21 -13.58
N TRP A 289 -25.72 -10.12 -12.81
CA TRP A 289 -25.95 -10.24 -11.38
C TRP A 289 -27.42 -10.42 -11.06
N GLU A 290 -28.31 -9.89 -11.91
CA GLU A 290 -29.73 -10.16 -11.78
C GLU A 290 -30.03 -11.65 -11.93
N THR A 291 -29.53 -12.25 -13.00
CA THR A 291 -29.80 -13.69 -13.19
C THR A 291 -29.07 -14.53 -12.15
N LEU A 292 -27.91 -14.07 -11.69
CA LEU A 292 -27.21 -14.77 -10.61
C LEU A 292 -28.04 -14.78 -9.33
N ASN A 293 -28.61 -13.62 -8.97
CA ASN A 293 -29.46 -13.55 -7.77
C ASN A 293 -30.72 -14.39 -7.95
N ASP A 294 -31.29 -14.38 -9.15
CA ASP A 294 -32.48 -15.19 -9.40
C ASP A 294 -32.18 -16.67 -9.22
N ASN A 295 -31.04 -17.14 -9.77
CA ASN A 295 -30.69 -18.54 -9.62
C ASN A 295 -30.31 -18.88 -8.19
N LEU A 296 -29.72 -17.93 -7.46
CA LEU A 296 -29.44 -18.16 -6.04
C LEU A 296 -30.72 -18.32 -5.25
N LYS A 297 -31.73 -17.50 -5.55
CA LYS A 297 -33.03 -17.65 -4.92
C LYS A 297 -33.66 -19.00 -5.27
N VAL A 298 -33.49 -19.42 -6.53
CA VAL A 298 -33.97 -20.74 -6.94
C VAL A 298 -33.31 -21.82 -6.11
N ILE A 299 -32.01 -21.70 -5.88
CA ILE A 299 -31.29 -22.66 -5.04
C ILE A 299 -31.87 -22.67 -3.63
N GLU A 300 -32.08 -21.48 -3.06
CA GLU A 300 -32.66 -21.40 -1.72
C GLU A 300 -34.07 -21.98 -1.67
N LYS A 301 -34.79 -22.02 -2.79
CA LYS A 301 -36.13 -22.57 -2.84
C LYS A 301 -36.14 -23.96 -3.48
N ALA A 302 -34.98 -24.48 -3.87
CA ALA A 302 -34.91 -25.74 -4.58
C ALA A 302 -35.31 -26.90 -3.68
N ASP A 303 -35.59 -28.04 -4.31
CA ASP A 303 -36.06 -29.23 -3.62
C ASP A 303 -35.21 -30.47 -3.85
N ASN A 304 -34.68 -30.68 -5.06
CA ASN A 304 -33.91 -31.88 -5.36
C ASN A 304 -32.66 -31.48 -6.14
N ALA A 305 -31.99 -32.49 -6.69
CA ALA A 305 -30.68 -32.27 -7.31
C ALA A 305 -30.82 -31.52 -8.64
N ALA A 306 -31.91 -31.74 -9.36
CA ALA A 306 -32.04 -31.17 -10.71
C ALA A 306 -32.12 -29.64 -10.65
N GLN A 307 -32.91 -29.11 -9.74
CA GLN A 307 -33.06 -27.65 -9.65
C GLN A 307 -31.76 -27.00 -9.23
N VAL A 308 -31.07 -27.56 -8.24
CA VAL A 308 -29.78 -27.00 -7.81
C VAL A 308 -28.78 -27.08 -8.94
N LYS A 309 -28.75 -28.21 -9.66
CA LYS A 309 -27.84 -28.39 -10.79
C LYS A 309 -28.06 -27.32 -11.85
N ASP A 310 -29.32 -27.14 -12.26
CA ASP A 310 -29.62 -26.16 -13.32
C ASP A 310 -29.32 -24.74 -12.86
N ALA A 311 -29.70 -24.41 -11.61
CA ALA A 311 -29.47 -23.06 -11.11
C ALA A 311 -27.97 -22.76 -11.03
N LEU A 312 -27.18 -23.73 -10.56
CA LEU A 312 -25.74 -23.51 -10.47
C LEU A 312 -25.09 -23.45 -11.85
N THR A 313 -25.60 -24.22 -12.82
CA THR A 313 -25.09 -24.10 -14.18
C THR A 313 -25.35 -22.72 -14.75
N LYS A 314 -26.58 -22.22 -14.57
CA LYS A 314 -26.91 -20.88 -15.04
C LYS A 314 -26.07 -19.82 -14.32
N MET A 315 -25.83 -20.02 -13.02
CA MET A 315 -25.06 -19.04 -12.26
C MET A 315 -23.59 -19.06 -12.68
N ARG A 316 -23.05 -20.23 -12.99
CA ARG A 316 -21.68 -20.29 -13.50
C ARG A 316 -21.58 -19.61 -14.85
N ALA A 317 -22.58 -19.82 -15.72
CA ALA A 317 -22.58 -19.14 -17.00
C ALA A 317 -22.64 -17.63 -16.81
N ALA A 318 -23.48 -17.16 -15.89
CA ALA A 318 -23.60 -15.73 -15.63
C ALA A 318 -22.29 -15.17 -15.07
N ALA A 319 -21.64 -15.92 -14.18
CA ALA A 319 -20.37 -15.46 -13.62
C ALA A 319 -19.30 -15.35 -14.69
N LEU A 320 -19.21 -16.35 -15.57
CA LEU A 320 -18.23 -16.28 -16.65
C LEU A 320 -18.53 -15.13 -17.60
N ASP A 321 -19.81 -14.93 -17.93
CA ASP A 321 -20.18 -13.83 -18.81
C ASP A 321 -19.85 -12.49 -18.18
N ALA A 322 -20.10 -12.34 -16.88
CA ALA A 322 -19.78 -11.09 -16.20
C ALA A 322 -18.28 -10.87 -16.14
N GLN A 323 -17.51 -11.93 -15.91
CA GLN A 323 -16.06 -11.83 -15.90
C GLN A 323 -15.54 -11.36 -17.25
N LYS A 324 -16.09 -11.92 -18.34
CA LYS A 324 -15.67 -11.52 -19.67
C LYS A 324 -16.11 -10.08 -19.98
N ALA A 325 -17.30 -9.70 -19.54
CA ALA A 325 -17.83 -8.37 -19.85
C ALA A 325 -17.10 -7.28 -19.09
N SER A 326 -16.67 -7.57 -17.86
CA SER A 326 -15.97 -6.56 -17.06
C SER A 326 -14.62 -6.19 -17.64
N GLY A 327 -14.06 -7.03 -18.52
CA GLY A 327 -12.81 -6.69 -19.17
C GLY A 327 -12.95 -5.64 -20.24
N SER A 328 -14.17 -5.46 -20.77
CA SER A 328 -14.43 -4.46 -21.79
C SER A 328 -14.82 -3.11 -21.21
N GLY A 329 -14.82 -2.96 -19.89
CA GLY A 329 -15.23 -1.73 -19.24
C GLY A 329 -14.06 -0.79 -19.00
N SER A 330 -14.27 0.12 -18.04
CA SER A 330 -13.28 1.12 -17.71
C SER A 330 -12.06 0.47 -17.06
N PRO A 331 -10.87 1.08 -17.24
CA PRO A 331 -9.68 0.53 -16.57
C PRO A 331 -9.66 0.74 -15.06
N GLU A 332 -10.65 1.44 -14.50
CA GLU A 332 -10.70 1.66 -13.06
C GLU A 332 -11.41 0.50 -12.35
N MET A 333 -11.46 -0.67 -12.99
CA MET A 333 -12.11 -1.85 -12.43
C MET A 333 -11.28 -3.11 -12.67
N LYS A 334 -9.97 -3.00 -12.52
CA LYS A 334 -9.06 -4.12 -12.83
C LYS A 334 -9.27 -5.29 -11.88
N ASP A 335 -9.59 -5.02 -10.61
CA ASP A 335 -9.78 -6.10 -9.64
C ASP A 335 -11.02 -6.92 -9.95
N PHE A 336 -11.91 -6.40 -10.79
CA PHE A 336 -13.09 -7.16 -11.19
C PHE A 336 -12.71 -8.41 -11.98
N ARG A 337 -11.63 -8.34 -12.76
CA ARG A 337 -11.10 -9.52 -13.42
C ARG A 337 -10.33 -10.42 -12.45
N HIS A 338 -10.04 -9.94 -11.24
CA HIS A 338 -9.23 -10.66 -10.28
C HIS A 338 -10.02 -11.28 -9.13
N GLY A 339 -11.29 -10.90 -8.94
CA GLY A 339 -12.09 -11.47 -7.88
C GLY A 339 -13.12 -12.47 -8.35
N PHE A 340 -13.48 -12.40 -9.64
CA PHE A 340 -14.51 -13.28 -10.17
C PHE A 340 -14.09 -14.73 -10.12
N ASP A 341 -12.79 -15.00 -10.29
CA ASP A 341 -12.30 -16.36 -10.18
C ASP A 341 -12.58 -16.96 -8.81
N ILE A 342 -12.82 -16.13 -7.80
CA ILE A 342 -13.29 -16.65 -6.53
C ILE A 342 -14.76 -17.00 -6.61
N LEU A 343 -15.58 -16.09 -7.13
CA LEU A 343 -17.01 -16.35 -7.26
C LEU A 343 -17.26 -17.57 -8.14
N VAL A 344 -16.74 -17.55 -9.37
CA VAL A 344 -16.87 -18.69 -10.27
C VAL A 344 -16.19 -19.91 -9.69
N GLY A 345 -15.36 -19.74 -8.66
CA GLY A 345 -14.84 -20.88 -7.94
C GLY A 345 -15.92 -21.55 -7.10
N GLN A 346 -16.57 -20.79 -6.22
CA GLN A 346 -17.46 -21.42 -5.25
C GLN A 346 -18.70 -22.00 -5.90
N ILE A 347 -19.17 -21.38 -7.00
CA ILE A 347 -20.22 -22.01 -7.79
C ILE A 347 -19.77 -23.38 -8.26
N ASP A 348 -18.56 -23.44 -8.83
CA ASP A 348 -18.01 -24.71 -9.30
C ASP A 348 -18.03 -25.76 -8.19
N ASP A 349 -17.52 -25.40 -7.02
CA ASP A 349 -17.60 -26.29 -5.87
C ASP A 349 -19.04 -26.72 -5.62
N ALA A 350 -19.95 -25.76 -5.52
CA ALA A 350 -21.36 -26.08 -5.34
C ALA A 350 -21.85 -26.95 -6.48
N LEU A 351 -21.37 -26.67 -7.69
CA LEU A 351 -21.74 -27.50 -8.85
C LEU A 351 -21.33 -28.94 -8.62
N LYS A 352 -20.11 -29.17 -8.13
CA LYS A 352 -19.68 -30.53 -7.84
C LYS A 352 -20.51 -31.11 -6.70
N LEU A 353 -20.97 -30.26 -5.78
CA LEU A 353 -21.87 -30.72 -4.75
C LEU A 353 -23.30 -30.83 -5.25
N ALA A 354 -23.58 -30.42 -6.47
CA ALA A 354 -24.95 -30.71 -6.94
C ALA A 354 -24.91 -31.89 -7.89
N ASN A 355 -23.92 -31.93 -8.80
CA ASN A 355 -23.78 -33.10 -9.70
C ASN A 355 -23.74 -34.37 -8.87
N GLU A 356 -22.86 -34.45 -7.88
CA GLU A 356 -22.69 -35.70 -7.08
C GLU A 356 -24.00 -36.07 -6.35
N GLY A 357 -25.03 -35.24 -6.41
CA GLY A 357 -26.33 -35.61 -5.81
C GLY A 357 -26.54 -35.05 -4.42
N LYS A 358 -25.50 -34.52 -3.77
CA LYS A 358 -25.60 -33.99 -2.38
C LYS A 358 -26.32 -32.64 -2.41
N VAL A 359 -27.54 -32.60 -2.94
CA VAL A 359 -28.31 -31.33 -3.06
C VAL A 359 -28.46 -30.71 -1.69
N LYS A 360 -28.68 -31.53 -0.68
CA LYS A 360 -28.99 -30.91 0.61
C LYS A 360 -27.78 -30.16 1.18
N GLU A 361 -26.57 -30.65 0.91
CA GLU A 361 -25.37 -29.92 1.29
C GLU A 361 -24.95 -28.90 0.24
N ALA A 362 -25.24 -29.17 -1.03
CA ALA A 362 -24.86 -28.24 -2.09
C ALA A 362 -25.47 -26.87 -1.86
N GLN A 363 -26.75 -26.84 -1.46
CA GLN A 363 -27.43 -25.61 -1.13
C GLN A 363 -26.60 -24.79 -0.15
N ALA A 364 -26.09 -25.45 0.89
CA ALA A 364 -25.28 -24.74 1.88
C ALA A 364 -24.09 -24.05 1.24
N ALA A 365 -23.41 -24.73 0.32
CA ALA A 365 -22.29 -24.08 -0.37
C ALA A 365 -22.77 -22.86 -1.14
N ALA A 366 -23.92 -22.97 -1.83
CA ALA A 366 -24.44 -21.81 -2.54
C ALA A 366 -24.79 -20.68 -1.58
N GLU A 367 -25.08 -21.00 -0.32
CA GLU A 367 -25.34 -19.97 0.66
C GLU A 367 -24.12 -19.06 0.84
N GLN A 368 -22.92 -19.62 0.72
CA GLN A 368 -21.72 -18.80 0.78
C GLN A 368 -21.69 -17.77 -0.33
N LEU A 369 -22.25 -18.11 -1.50
CA LEU A 369 -22.35 -17.15 -2.59
C LEU A 369 -23.25 -15.98 -2.23
N LYS A 370 -24.19 -16.16 -1.31
CA LYS A 370 -24.99 -15.04 -0.84
C LYS A 370 -24.11 -13.98 -0.17
N THR A 371 -22.99 -14.42 0.43
CA THR A 371 -22.04 -13.47 0.97
C THR A 371 -21.12 -12.92 -0.12
N THR A 372 -20.94 -13.66 -1.22
CA THR A 372 -20.17 -13.14 -2.33
C THR A 372 -20.84 -11.92 -2.95
N ARG A 373 -22.13 -12.05 -3.32
CA ARG A 373 -22.84 -10.96 -3.96
C ARG A 373 -22.88 -9.72 -3.06
N ASN A 374 -23.17 -9.91 -1.79
CA ASN A 374 -23.16 -8.79 -0.85
C ASN A 374 -21.77 -8.17 -0.75
N ALA A 375 -20.72 -8.99 -0.87
CA ALA A 375 -19.36 -8.46 -0.85
C ALA A 375 -18.94 -7.93 -2.21
N TYR A 376 -19.75 -8.11 -3.23
CA TYR A 376 -19.42 -7.63 -4.57
C TYR A 376 -20.08 -6.30 -4.88
N ILE A 377 -21.41 -6.23 -4.71
CA ILE A 377 -22.13 -5.00 -5.03
C ILE A 377 -21.67 -3.88 -4.10
N GLN A 378 -21.32 -4.21 -2.86
CA GLN A 378 -20.77 -3.22 -1.94
C GLN A 378 -19.53 -2.54 -2.52
N LYS A 379 -18.82 -3.22 -3.40
CA LYS A 379 -17.74 -2.60 -4.15
C LYS A 379 -18.21 -2.07 -5.50
N TYR A 380 -19.18 -2.74 -6.12
CA TYR A 380 -19.65 -2.34 -7.45
C TYR A 380 -20.20 -0.93 -7.41
N LEU A 381 -21.14 -0.66 -6.51
CA LEU A 381 -21.66 0.69 -6.34
C LEU A 381 -20.56 1.66 -5.93
N SER A 382 -19.49 1.15 -5.32
CA SER A 382 -18.35 1.99 -4.94
C SER A 382 -17.46 2.31 -6.13
N VAL A 383 -17.46 1.49 -7.18
CA VAL A 383 -16.56 1.74 -8.31
C VAL A 383 -17.28 2.38 -9.49
N LYS A 384 -18.58 2.08 -9.68
CA LYS A 384 -19.33 2.77 -10.73
C LYS A 384 -19.43 4.25 -10.44
N LYS A 385 -19.37 4.64 -9.17
CA LYS A 385 -19.23 6.05 -8.82
C LYS A 385 -17.86 6.57 -9.26
N LYS A 386 -16.81 5.79 -9.05
CA LYS A 386 -15.46 6.24 -9.39
C LYS A 386 -15.30 6.40 -10.90
N SER A 387 -15.83 5.44 -11.67
CA SER A 387 -15.67 5.51 -13.12
C SER A 387 -16.45 6.68 -13.71
N SER A 388 -17.72 6.82 -13.33
CA SER A 388 -18.55 7.88 -13.90
C SER A 388 -18.00 9.26 -13.56
N ARG A 389 -17.52 9.45 -12.33
CA ARG A 389 -16.92 10.72 -11.97
C ARG A 389 -15.58 10.93 -12.66
N ASN A 390 -14.95 9.84 -13.12
CA ASN A 390 -13.70 9.99 -13.85
C ASN A 390 -13.96 10.23 -15.33
N ILE A 391 -14.71 9.33 -15.98
CA ILE A 391 -14.91 9.40 -17.42
C ILE A 391 -15.65 10.67 -17.81
N PHE A 392 -16.43 11.24 -16.89
CA PHE A 392 -17.12 12.49 -17.18
C PHE A 392 -16.43 13.71 -16.60
N SER A 393 -15.29 13.55 -15.93
CA SER A 393 -14.59 14.70 -15.38
C SER A 393 -14.07 15.60 -16.50
N ILE A 394 -13.30 15.02 -17.44
CA ILE A 394 -12.67 15.82 -18.48
C ILE A 394 -13.73 16.51 -19.33
N VAL A 395 -14.73 15.75 -19.80
CA VAL A 395 -15.78 16.31 -20.64
C VAL A 395 -16.54 17.40 -19.86
N PHE A 396 -16.42 17.39 -18.54
CA PHE A 396 -16.95 18.51 -17.77
C PHE A 396 -16.09 19.76 -17.98
N VAL A 397 -14.81 19.66 -17.64
CA VAL A 397 -13.94 20.85 -17.67
C VAL A 397 -13.88 21.43 -19.07
N PHE A 398 -13.67 20.58 -20.07
CA PHE A 398 -13.60 21.04 -21.46
C PHE A 398 -14.88 21.76 -21.86
N PHE A 399 -16.01 21.33 -21.32
CA PHE A 399 -17.28 21.95 -21.70
C PHE A 399 -17.60 23.19 -20.88
N VAL A 400 -16.83 23.46 -19.83
CA VAL A 400 -17.09 24.65 -19.03
C VAL A 400 -16.04 25.74 -19.27
N CYS A 401 -14.81 25.34 -19.61
CA CYS A 401 -13.74 26.32 -19.76
C CYS A 401 -13.66 26.87 -21.18
N PHE A 402 -13.43 26.00 -22.16
CA PHE A 402 -13.09 26.43 -23.52
C PHE A 402 -14.32 26.59 -24.41
N VAL A 403 -15.30 25.69 -24.29
CA VAL A 403 -16.45 25.74 -25.19
C VAL A 403 -17.25 27.03 -25.08
N PRO A 404 -17.58 27.53 -23.88
CA PRO A 404 -18.34 28.80 -23.83
C PRO A 404 -17.64 29.97 -24.50
N TYR A 405 -16.32 30.07 -24.38
CA TYR A 405 -15.60 31.17 -25.02
C TYR A 405 -15.68 31.07 -26.53
N HIS A 406 -15.55 29.86 -27.07
CA HIS A 406 -15.60 29.70 -28.51
C HIS A 406 -17.02 29.89 -29.04
N ILE A 407 -18.04 29.61 -28.23
CA ILE A 407 -19.39 29.98 -28.60
C ILE A 407 -19.53 31.50 -28.64
N ALA A 408 -19.03 32.18 -27.59
CA ALA A 408 -19.19 33.63 -27.51
C ALA A 408 -18.40 34.35 -28.60
N ARG A 409 -17.31 33.75 -29.09
CA ARG A 409 -16.50 34.41 -30.09
C ARG A 409 -17.22 34.53 -31.42
N ILE A 410 -18.08 33.56 -31.75
CA ILE A 410 -18.75 33.57 -33.05
C ILE A 410 -19.59 34.82 -33.26
N PRO A 411 -20.47 35.23 -32.34
CA PRO A 411 -21.14 36.52 -32.52
C PRO A 411 -20.18 37.69 -32.58
N TYR A 412 -19.06 37.60 -31.86
CA TYR A 412 -18.10 38.70 -31.87
C TYR A 412 -17.55 38.95 -33.26
N THR A 413 -17.04 37.89 -33.90
CA THR A 413 -16.51 38.06 -35.26
C THR A 413 -17.64 38.35 -36.25
N LYS A 414 -18.80 37.73 -36.07
CA LYS A 414 -19.90 37.94 -36.99
C LYS A 414 -20.34 39.40 -37.00
N SER A 415 -20.41 40.02 -35.82
CA SER A 415 -20.79 41.42 -35.75
C SER A 415 -19.61 42.36 -36.01
N GLN A 416 -18.37 41.87 -35.93
CA GLN A 416 -17.26 42.64 -36.50
C GLN A 416 -17.44 42.77 -38.01
N THR A 417 -17.84 41.68 -38.67
CA THR A 417 -18.14 41.74 -40.09
C THR A 417 -19.43 42.51 -40.35
N GLU A 418 -20.43 42.37 -39.48
CA GLU A 418 -21.72 43.04 -39.66
C GLU A 418 -21.80 44.22 -38.70
N ALA A 419 -21.43 45.40 -39.21
CA ALA A 419 -21.41 46.61 -38.40
C ALA A 419 -22.80 47.14 -38.11
N HIS A 420 -23.85 46.56 -38.72
CA HIS A 420 -25.20 47.05 -38.52
C HIS A 420 -25.68 46.93 -37.08
N TYR A 421 -25.05 46.08 -36.28
CA TYR A 421 -25.44 45.92 -34.89
C TYR A 421 -25.09 47.15 -34.07
N SER A 422 -25.80 47.35 -32.96
CA SER A 422 -25.58 48.51 -32.11
C SER A 422 -24.22 48.43 -31.42
N CYS A 423 -23.64 49.61 -31.14
CA CYS A 423 -22.32 49.66 -30.53
C CYS A 423 -22.37 49.30 -29.05
N GLN A 424 -23.48 49.59 -28.38
CA GLN A 424 -23.63 49.15 -26.99
C GLN A 424 -23.61 47.63 -26.91
N SER A 425 -24.25 46.95 -27.86
CA SER A 425 -24.18 45.50 -27.93
C SER A 425 -22.75 45.04 -28.20
N LYS A 426 -22.00 45.81 -28.98
CA LYS A 426 -20.58 45.52 -29.16
C LYS A 426 -19.82 45.59 -27.83
N GLU A 427 -20.08 46.62 -27.03
CA GLU A 427 -19.40 46.72 -25.74
C GLU A 427 -19.76 45.56 -24.83
N ILE A 428 -21.07 45.25 -24.73
CA ILE A 428 -21.52 44.17 -23.86
C ILE A 428 -20.92 42.84 -24.33
N LEU A 429 -20.85 42.63 -25.64
CA LEU A 429 -20.31 41.39 -26.17
C LEU A 429 -18.80 41.31 -25.98
N ARG A 430 -18.11 42.46 -25.99
CA ARG A 430 -16.69 42.47 -25.62
C ARG A 430 -16.50 42.07 -24.16
N TYR A 431 -17.36 42.58 -23.28
CA TYR A 431 -17.32 42.15 -21.89
C TYR A 431 -17.55 40.65 -21.78
N MET A 432 -18.51 40.13 -22.54
CA MET A 432 -18.77 38.70 -22.54
C MET A 432 -17.56 37.91 -23.05
N LYS A 433 -16.90 38.40 -24.09
CA LYS A 433 -15.73 37.72 -24.63
C LYS A 433 -14.61 37.66 -23.60
N GLU A 434 -14.34 38.78 -22.91
CA GLU A 434 -13.25 38.74 -21.93
C GLU A 434 -13.62 37.90 -20.71
N PHE A 435 -14.90 37.92 -20.30
CA PHE A 435 -15.32 37.05 -19.19
C PHE A 435 -15.19 35.58 -19.57
N THR A 436 -15.55 35.23 -20.81
CA THR A 436 -15.40 33.85 -21.26
C THR A 436 -13.93 33.46 -21.40
N LEU A 437 -13.07 34.40 -21.78
CA LEU A 437 -11.64 34.14 -21.76
C LEU A 437 -11.14 33.89 -20.33
N LEU A 438 -11.64 34.63 -19.36
CA LEU A 438 -11.31 34.34 -17.97
C LEU A 438 -11.80 32.94 -17.57
N LEU A 439 -13.00 32.57 -18.02
CA LEU A 439 -13.51 31.23 -17.73
C LEU A 439 -12.61 30.15 -18.36
N SER A 440 -12.15 30.38 -19.59
CA SER A 440 -11.25 29.42 -20.23
C SER A 440 -9.92 29.34 -19.50
N ALA A 441 -9.38 30.48 -19.06
CA ALA A 441 -8.14 30.48 -18.31
C ALA A 441 -8.31 29.85 -16.93
N ALA A 442 -9.56 29.78 -16.44
CA ALA A 442 -9.84 29.09 -15.20
C ALA A 442 -9.60 27.59 -15.29
N ASN A 443 -9.36 27.06 -16.50
CA ASN A 443 -8.94 25.67 -16.63
C ASN A 443 -7.65 25.42 -15.85
N VAL A 444 -6.85 26.47 -15.62
CA VAL A 444 -5.63 26.31 -14.82
C VAL A 444 -5.98 25.85 -13.41
N CYS A 445 -7.00 26.46 -12.80
CA CYS A 445 -7.41 26.04 -11.46
C CYS A 445 -8.31 24.82 -11.49
N LEU A 446 -9.00 24.56 -12.61
CA LEU A 446 -9.88 23.40 -12.69
C LEU A 446 -9.18 22.10 -13.05
N ASP A 447 -7.94 22.18 -13.56
CA ASP A 447 -7.16 21.01 -13.95
C ASP A 447 -6.69 20.18 -12.76
N PRO A 448 -6.45 20.77 -11.57
CA PRO A 448 -6.20 19.93 -10.39
C PRO A 448 -7.27 18.89 -10.13
N ILE A 449 -8.53 19.15 -10.51
CA ILE A 449 -9.55 18.12 -10.40
C ILE A 449 -9.19 16.91 -11.25
N ILE A 450 -8.76 17.15 -12.50
CA ILE A 450 -8.34 16.06 -13.37
C ILE A 450 -7.12 15.35 -12.78
N TYR A 451 -6.17 16.12 -12.25
CA TYR A 451 -4.97 15.49 -11.67
C TYR A 451 -5.33 14.58 -10.52
N PHE A 452 -6.24 15.02 -9.64
CA PHE A 452 -6.59 14.22 -8.47
C PHE A 452 -7.43 13.01 -8.86
N PHE A 453 -8.31 13.16 -9.85
CA PHE A 453 -9.23 12.07 -10.19
C PHE A 453 -8.56 11.02 -11.07
N LEU A 454 -8.04 11.45 -12.23
CA LEU A 454 -7.62 10.49 -13.25
C LEU A 454 -6.29 9.81 -12.93
N CYS A 455 -5.50 10.35 -12.01
CA CYS A 455 -4.15 9.85 -11.75
C CYS A 455 -4.09 9.24 -10.35
N GLN A 456 -4.01 7.91 -10.29
CA GLN A 456 -3.82 7.17 -9.04
C GLN A 456 -2.48 7.52 -8.38
N PRO A 457 -1.37 7.59 -9.13
CA PRO A 457 -0.12 8.06 -8.50
C PRO A 457 -0.24 9.45 -7.89
N PHE A 458 -1.01 10.34 -8.51
CA PHE A 458 -1.25 11.65 -7.91
C PHE A 458 -2.01 11.51 -6.59
N ARG A 459 -2.97 10.59 -6.53
CA ARG A 459 -3.67 10.33 -5.28
C ARG A 459 -2.71 9.83 -4.20
N GLU A 460 -1.82 8.92 -4.57
CA GLU A 460 -0.85 8.40 -3.62
C GLU A 460 0.09 9.49 -3.12
N ILE A 461 0.54 10.37 -4.04
CA ILE A 461 1.43 11.46 -3.65
C ILE A 461 0.71 12.42 -2.71
N LEU A 462 -0.55 12.75 -3.02
CA LEU A 462 -1.31 13.63 -2.15
C LEU A 462 -1.54 13.02 -0.78
N CYS A 463 -1.82 11.72 -0.72
CA CYS A 463 -1.99 11.05 0.57
C CYS A 463 -0.69 11.05 1.36
N LYS A 464 0.43 10.78 0.69
CA LYS A 464 1.72 10.71 1.38
C LYS A 464 2.34 12.08 1.62
N LYS A 465 1.79 13.13 1.03
CA LYS A 465 2.33 14.49 1.22
C LYS A 465 2.06 15.00 2.63
N GLN B 63 -7.40 -34.51 12.41
CA GLN B 63 -6.06 -34.00 12.70
C GLN B 63 -5.22 -33.95 11.43
N LEU B 64 -4.34 -32.95 11.34
CA LEU B 64 -3.51 -32.73 10.17
C LEU B 64 -2.05 -32.64 10.60
N VAL B 65 -1.17 -33.28 9.85
CA VAL B 65 0.25 -33.35 10.16
C VAL B 65 1.03 -32.88 8.95
N GLU B 66 1.83 -31.83 9.11
CA GLU B 66 2.64 -31.31 8.02
C GLU B 66 4.05 -31.87 8.07
N SER B 67 4.64 -32.04 6.89
CA SER B 67 6.03 -32.50 6.77
C SER B 67 6.62 -31.90 5.51
N GLY B 68 7.95 -31.96 5.42
CA GLY B 68 8.66 -31.45 4.27
C GLY B 68 9.29 -30.08 4.44
N GLY B 69 9.16 -29.47 5.61
CA GLY B 69 9.78 -28.16 5.81
C GLY B 69 11.25 -28.30 6.18
N GLY B 70 12.04 -27.34 5.71
CA GLY B 70 13.47 -27.37 5.99
C GLY B 70 14.18 -26.24 5.26
N LEU B 71 15.50 -26.26 5.34
CA LEU B 71 16.32 -25.21 4.75
C LEU B 71 16.43 -25.41 3.23
N VAL B 72 16.02 -24.39 2.49
CA VAL B 72 16.15 -24.37 1.03
C VAL B 72 16.73 -23.03 0.62
N GLN B 73 17.52 -23.03 -0.45
CA GLN B 73 18.11 -21.79 -0.95
C GLN B 73 17.06 -20.98 -1.70
N PRO B 74 17.28 -19.66 -1.83
CA PRO B 74 16.35 -18.85 -2.62
C PRO B 74 16.27 -19.32 -4.06
N GLY B 75 15.07 -19.28 -4.62
CA GLY B 75 14.82 -19.77 -5.96
C GLY B 75 14.54 -21.25 -6.06
N GLY B 76 14.70 -22.00 -4.96
CA GLY B 76 14.45 -23.42 -4.97
C GLY B 76 12.97 -23.76 -4.86
N SER B 77 12.71 -25.06 -4.87
CA SER B 77 11.34 -25.58 -4.80
C SER B 77 11.24 -26.53 -3.61
N LEU B 78 10.06 -26.55 -3.00
CA LEU B 78 9.84 -27.41 -1.84
C LEU B 78 8.38 -27.86 -1.82
N ARG B 79 8.15 -29.13 -1.51
CA ARG B 79 6.79 -29.67 -1.44
C ARG B 79 6.48 -29.99 0.01
N LEU B 80 5.62 -29.19 0.63
CA LEU B 80 5.13 -29.55 1.95
C LEU B 80 3.92 -30.45 1.79
N SER B 81 3.95 -31.59 2.50
CA SER B 81 2.88 -32.57 2.46
C SER B 81 2.11 -32.48 3.78
N CYS B 82 0.83 -32.16 3.69
CA CYS B 82 -0.07 -32.14 4.84
C CYS B 82 -0.92 -33.40 4.77
N ALA B 83 -0.60 -34.38 5.60
CA ALA B 83 -1.37 -35.62 5.67
C ALA B 83 -2.54 -35.42 6.63
N ALA B 84 -3.73 -35.77 6.17
CA ALA B 84 -4.93 -35.64 6.99
C ALA B 84 -5.32 -36.98 7.58
N SER B 85 -5.66 -36.98 8.86
CA SER B 85 -6.05 -38.19 9.56
C SER B 85 -7.43 -37.99 10.16
N GLY B 86 -8.24 -39.05 10.16
CA GLY B 86 -9.59 -38.98 10.65
C GLY B 86 -10.63 -38.57 9.63
N PHE B 87 -10.22 -38.17 8.43
CA PHE B 87 -11.16 -37.82 7.37
C PHE B 87 -10.45 -37.91 6.03
N ASN B 88 -11.25 -37.89 4.96
CA ASN B 88 -10.72 -37.91 3.61
C ASN B 88 -10.74 -36.48 3.05
N ILE B 89 -9.65 -36.11 2.37
CA ILE B 89 -9.53 -34.74 1.88
C ILE B 89 -10.42 -34.46 0.68
N TYR B 90 -11.03 -35.48 0.09
CA TYR B 90 -11.85 -35.28 -1.10
C TYR B 90 -13.06 -34.40 -0.78
N TYR B 91 -13.79 -34.72 0.27
CA TYR B 91 -14.94 -33.91 0.69
C TYR B 91 -14.51 -32.90 1.74
N SER B 92 -13.59 -32.02 1.33
CA SER B 92 -13.04 -31.02 2.24
C SER B 92 -12.33 -29.95 1.41
N SER B 93 -11.85 -28.92 2.10
CA SER B 93 -11.00 -27.90 1.52
C SER B 93 -9.81 -27.68 2.45
N MET B 94 -8.61 -27.70 1.87
CA MET B 94 -7.38 -27.61 2.64
C MET B 94 -6.71 -26.28 2.32
N HIS B 95 -6.36 -25.54 3.38
CA HIS B 95 -5.73 -24.24 3.25
C HIS B 95 -4.35 -24.27 3.88
N TRP B 96 -3.47 -23.39 3.42
CA TRP B 96 -2.16 -23.19 4.01
C TRP B 96 -2.05 -21.76 4.50
N VAL B 97 -1.69 -21.60 5.78
CA VAL B 97 -1.52 -20.28 6.38
C VAL B 97 -0.08 -20.20 6.88
N ARG B 98 0.68 -19.23 6.39
CA ARG B 98 2.07 -19.08 6.79
C ARG B 98 2.20 -17.93 7.78
N GLN B 99 3.01 -18.14 8.80
CA GLN B 99 3.30 -17.14 9.82
C GLN B 99 4.80 -16.87 9.78
N ALA B 100 5.18 -15.67 9.35
CA ALA B 100 6.57 -15.31 9.34
C ALA B 100 7.09 -15.21 10.77
N PRO B 101 8.38 -15.46 11.00
CA PRO B 101 8.91 -15.39 12.36
C PRO B 101 8.69 -14.03 13.02
N GLY B 102 7.85 -14.02 14.05
CA GLY B 102 7.49 -12.78 14.72
C GLY B 102 6.41 -11.97 14.06
N LYS B 103 5.79 -12.49 13.00
CA LYS B 103 4.75 -11.78 12.27
C LYS B 103 3.41 -12.48 12.45
N GLY B 104 2.35 -11.84 11.95
CA GLY B 104 1.03 -12.41 12.02
C GLY B 104 0.78 -13.47 10.96
N LEU B 105 -0.40 -14.09 11.05
CA LEU B 105 -0.79 -15.13 10.11
C LEU B 105 -1.04 -14.54 8.73
N GLU B 106 -0.68 -15.31 7.70
CA GLU B 106 -0.96 -14.94 6.32
C GLU B 106 -1.44 -16.16 5.56
N TRP B 107 -2.57 -16.03 4.89
CA TRP B 107 -3.11 -17.13 4.10
C TRP B 107 -2.35 -17.26 2.78
N VAL B 108 -2.08 -18.50 2.39
CA VAL B 108 -1.20 -18.77 1.26
C VAL B 108 -1.98 -19.34 0.09
N ALA B 109 -2.62 -20.50 0.28
CA ALA B 109 -3.30 -21.18 -0.80
C ALA B 109 -4.44 -22.01 -0.23
N SER B 110 -5.36 -22.39 -1.10
CA SER B 110 -6.49 -23.24 -0.71
C SER B 110 -6.89 -24.10 -1.89
N ILE B 111 -7.30 -25.34 -1.60
CA ILE B 111 -7.77 -26.25 -2.63
C ILE B 111 -9.03 -26.95 -2.12
N SER B 112 -9.98 -27.18 -3.03
CA SER B 112 -11.15 -28.01 -2.74
C SER B 112 -11.06 -29.23 -3.65
N PRO B 113 -10.52 -30.35 -3.16
CA PRO B 113 -10.33 -31.53 -4.04
C PRO B 113 -11.62 -32.09 -4.61
N TYR B 114 -12.77 -31.83 -3.98
CA TYR B 114 -14.03 -32.31 -4.51
C TYR B 114 -14.29 -31.77 -5.91
N SER B 115 -14.15 -30.46 -6.08
CA SER B 115 -14.38 -29.83 -7.37
C SER B 115 -13.09 -29.47 -8.08
N GLY B 116 -11.97 -29.41 -7.36
CA GLY B 116 -10.71 -29.03 -7.96
C GLY B 116 -10.45 -27.54 -8.00
N SER B 117 -11.32 -26.72 -7.43
CA SER B 117 -11.07 -25.28 -7.39
C SER B 117 -9.88 -24.98 -6.50
N THR B 118 -9.08 -24.01 -6.92
CA THR B 118 -7.84 -23.66 -6.23
C THR B 118 -7.72 -22.15 -6.17
N TYR B 119 -7.51 -21.61 -4.98
CA TYR B 119 -7.34 -20.18 -4.76
C TYR B 119 -5.95 -19.91 -4.20
N TYR B 120 -5.40 -18.76 -4.56
CA TYR B 120 -4.08 -18.36 -4.10
C TYR B 120 -4.13 -16.93 -3.57
N ALA B 121 -3.21 -16.64 -2.65
CA ALA B 121 -3.02 -15.26 -2.22
C ALA B 121 -2.40 -14.46 -3.35
N ASP B 122 -2.67 -13.15 -3.34
CA ASP B 122 -2.14 -12.28 -4.40
C ASP B 122 -0.62 -12.18 -4.34
N SER B 123 -0.01 -12.43 -3.18
CA SER B 123 1.43 -12.35 -3.06
C SER B 123 2.13 -13.62 -3.57
N VAL B 124 1.43 -14.75 -3.61
CA VAL B 124 2.04 -16.02 -3.98
C VAL B 124 1.41 -16.63 -5.23
N LYS B 125 0.53 -15.91 -5.91
CA LYS B 125 -0.15 -16.46 -7.08
C LYS B 125 0.85 -16.80 -8.18
N GLY B 126 0.84 -18.05 -8.61
CA GLY B 126 1.74 -18.55 -9.63
C GLY B 126 3.03 -19.15 -9.11
N ARG B 127 3.66 -18.51 -8.13
CA ARG B 127 4.88 -19.05 -7.55
C ARG B 127 4.63 -20.37 -6.84
N PHE B 128 3.52 -20.46 -6.10
CA PHE B 128 3.13 -21.67 -5.42
C PHE B 128 2.07 -22.42 -6.21
N THR B 129 1.90 -23.70 -5.89
CA THR B 129 0.90 -24.54 -6.54
C THR B 129 0.45 -25.59 -5.54
N ILE B 130 -0.83 -25.56 -5.17
CA ILE B 130 -1.37 -26.53 -4.23
C ILE B 130 -2.17 -27.58 -5.00
N SER B 131 -1.89 -28.85 -4.71
CA SER B 131 -2.62 -29.97 -5.27
C SER B 131 -3.02 -30.90 -4.13
N ALA B 132 -3.84 -31.89 -4.46
CA ALA B 132 -4.29 -32.85 -3.47
C ALA B 132 -4.22 -34.26 -4.04
N ASP B 133 -4.10 -35.24 -3.16
CA ASP B 133 -4.05 -36.65 -3.56
C ASP B 133 -4.85 -37.41 -2.50
N THR B 134 -6.05 -37.86 -2.88
CA THR B 134 -6.93 -38.54 -1.93
C THR B 134 -6.46 -39.97 -1.67
N SER B 135 -5.69 -40.56 -2.59
CA SER B 135 -5.21 -41.92 -2.38
C SER B 135 -4.27 -41.98 -1.17
N LYS B 136 -3.34 -41.04 -1.07
CA LYS B 136 -2.52 -40.91 0.14
C LYS B 136 -3.13 -39.95 1.15
N ASN B 137 -4.25 -39.31 0.82
CA ASN B 137 -4.95 -38.40 1.73
C ASN B 137 -4.03 -37.26 2.18
N THR B 138 -3.43 -36.59 1.21
CA THR B 138 -2.43 -35.57 1.50
C THR B 138 -2.58 -34.38 0.56
N ALA B 139 -2.44 -33.19 1.11
CA ALA B 139 -2.44 -31.95 0.33
C ALA B 139 -1.00 -31.47 0.19
N TYR B 140 -0.54 -31.28 -1.04
CA TYR B 140 0.84 -30.92 -1.33
C TYR B 140 0.91 -29.49 -1.82
N LEU B 141 1.67 -28.66 -1.10
CA LEU B 141 1.97 -27.31 -1.56
C LEU B 141 3.38 -27.31 -2.12
N GLN B 142 3.50 -27.07 -3.43
CA GLN B 142 4.79 -27.01 -4.11
C GLN B 142 5.15 -25.54 -4.33
N MET B 143 6.24 -25.12 -3.71
CA MET B 143 6.74 -23.75 -3.84
C MET B 143 7.86 -23.73 -4.86
N ASN B 144 7.74 -22.85 -5.85
CA ASN B 144 8.77 -22.63 -6.85
C ASN B 144 9.16 -21.16 -6.85
N SER B 145 10.41 -20.89 -7.21
CA SER B 145 10.98 -19.54 -7.16
C SER B 145 10.84 -18.94 -5.77
N LEU B 146 11.25 -19.71 -4.76
CA LEU B 146 11.16 -19.27 -3.38
C LEU B 146 12.06 -18.06 -3.13
N ARG B 147 11.51 -17.05 -2.47
CA ARG B 147 12.24 -15.84 -2.12
C ARG B 147 12.58 -15.85 -0.63
N ALA B 148 13.36 -14.84 -0.22
CA ALA B 148 13.82 -14.78 1.16
C ALA B 148 12.67 -14.51 2.11
N GLU B 149 11.62 -13.84 1.64
CA GLU B 149 10.51 -13.51 2.52
C GLU B 149 9.57 -14.69 2.74
N ASP B 150 9.77 -15.78 1.99
CA ASP B 150 8.97 -17.00 2.14
C ASP B 150 9.33 -17.78 3.40
N THR B 151 10.29 -17.33 4.19
CA THR B 151 10.59 -18.01 5.45
C THR B 151 9.45 -17.82 6.44
N ALA B 152 8.86 -18.92 6.88
CA ALA B 152 7.70 -18.87 7.75
C ALA B 152 7.36 -20.27 8.22
N VAL B 153 6.50 -20.35 9.23
CA VAL B 153 5.93 -21.61 9.67
C VAL B 153 4.62 -21.79 8.92
N TYR B 154 4.49 -22.89 8.19
CA TYR B 154 3.32 -23.16 7.36
C TYR B 154 2.40 -24.10 8.14
N TYR B 155 1.18 -23.65 8.40
CA TYR B 155 0.16 -24.45 9.04
C TYR B 155 -0.84 -24.93 7.99
N CYS B 156 -1.23 -26.19 8.10
CA CYS B 156 -2.24 -26.77 7.22
C CYS B 156 -3.59 -26.73 7.92
N ALA B 157 -4.41 -25.75 7.55
CA ALA B 157 -5.70 -25.53 8.18
C ALA B 157 -6.78 -26.19 7.33
N ARG B 158 -7.90 -26.52 7.97
CA ARG B 158 -9.02 -27.13 7.28
C ARG B 158 -10.29 -26.68 7.99
N PRO B 159 -11.20 -26.01 7.30
CA PRO B 159 -12.46 -25.60 7.93
C PRO B 159 -13.34 -26.80 8.25
N TRP B 160 -14.30 -26.56 9.13
CA TRP B 160 -15.20 -27.63 9.57
C TRP B 160 -15.89 -28.28 8.38
N TYR B 161 -16.69 -27.50 7.66
CA TYR B 161 -17.21 -27.94 6.38
C TYR B 161 -16.25 -27.53 5.26
N PRO B 162 -16.32 -28.19 4.10
CA PRO B 162 -15.53 -27.71 2.96
C PRO B 162 -15.80 -26.25 2.62
N TRP B 163 -17.05 -25.82 2.70
CA TRP B 163 -17.41 -24.42 2.58
C TRP B 163 -17.45 -23.72 3.93
N SER B 164 -17.30 -24.46 5.03
CA SER B 164 -17.15 -23.93 6.39
C SER B 164 -18.41 -23.27 6.94
N TYR B 165 -19.43 -23.10 6.11
CA TYR B 165 -20.73 -22.47 6.53
C TYR B 165 -20.43 -21.02 6.88
N TRP B 166 -19.92 -20.77 8.08
CA TRP B 166 -19.47 -19.45 8.51
C TRP B 166 -18.25 -19.54 9.42
N SER B 167 -17.95 -20.75 9.90
CA SER B 167 -17.03 -20.91 11.02
C SER B 167 -15.64 -20.37 10.73
N GLY B 168 -15.02 -20.79 9.63
CA GLY B 168 -13.63 -20.49 9.41
C GLY B 168 -12.76 -21.73 9.54
N LEU B 169 -11.45 -21.50 9.55
CA LEU B 169 -10.48 -22.60 9.59
C LEU B 169 -10.52 -23.23 10.98
N ASP B 170 -11.38 -24.26 11.12
CA ASP B 170 -11.61 -24.85 12.42
C ASP B 170 -10.43 -25.73 12.85
N TYR B 171 -9.92 -26.56 11.95
CA TYR B 171 -8.89 -27.54 12.28
C TYR B 171 -7.56 -27.08 11.70
N TRP B 172 -6.51 -27.15 12.51
CA TRP B 172 -5.19 -26.68 12.13
C TRP B 172 -4.17 -27.79 12.33
N GLY B 173 -3.14 -27.79 11.50
CA GLY B 173 -2.04 -28.71 11.64
C GLY B 173 -1.02 -28.22 12.64
N GLN B 174 0.04 -29.02 12.82
CA GLN B 174 1.09 -28.66 13.75
C GLN B 174 1.99 -27.55 13.22
N GLY B 175 2.01 -27.34 11.91
CA GLY B 175 2.86 -26.33 11.32
C GLY B 175 4.30 -26.78 11.20
N THR B 176 4.94 -26.45 10.08
CA THR B 176 6.32 -26.85 9.83
C THR B 176 7.10 -25.66 9.28
N LEU B 177 8.36 -25.54 9.68
CA LEU B 177 9.15 -24.35 9.37
C LEU B 177 9.80 -24.47 8.01
N VAL B 178 9.77 -23.38 7.23
CA VAL B 178 10.46 -23.28 5.96
C VAL B 178 11.36 -22.06 6.02
N THR B 179 12.67 -22.29 5.94
CA THR B 179 13.67 -21.23 6.00
C THR B 179 14.32 -21.08 4.64
N VAL B 180 14.19 -19.91 4.03
CA VAL B 180 14.76 -19.64 2.72
C VAL B 180 15.93 -18.68 2.95
N SER B 181 17.12 -19.25 3.12
CA SER B 181 18.32 -18.47 3.32
C SER B 181 19.49 -19.18 2.68
N SER B 182 20.37 -18.42 2.03
CA SER B 182 21.51 -18.98 1.32
C SER B 182 22.72 -19.23 2.22
N ALA B 183 22.67 -18.80 3.48
CA ALA B 183 23.79 -19.00 4.39
C ALA B 183 23.99 -20.49 4.66
N SER B 184 25.26 -20.90 4.63
CA SER B 184 25.61 -22.29 4.91
C SER B 184 25.61 -22.54 6.42
N THR B 185 25.50 -23.82 6.81
CA THR B 185 25.49 -24.18 8.24
C THR B 185 26.76 -23.69 8.89
N LYS B 186 26.70 -22.55 9.60
CA LYS B 186 27.92 -21.96 10.21
C LYS B 186 28.01 -22.41 11.67
N GLY B 187 28.75 -21.67 12.48
CA GLY B 187 28.96 -22.12 13.86
C GLY B 187 28.67 -21.05 14.89
N PRO B 188 28.51 -21.40 16.17
CA PRO B 188 28.31 -20.41 17.20
C PRO B 188 29.65 -19.89 17.63
N SER B 189 29.76 -18.57 17.73
CA SER B 189 31.01 -17.97 18.23
C SER B 189 30.72 -17.33 19.59
N VAL B 190 30.80 -18.07 20.69
CA VAL B 190 30.38 -17.52 22.01
C VAL B 190 31.40 -16.56 22.63
N PHE B 191 31.16 -15.24 22.64
CA PHE B 191 31.99 -14.24 23.29
C PHE B 191 31.44 -13.98 24.69
N PRO B 192 32.31 -13.63 25.63
CA PRO B 192 31.84 -13.29 26.99
C PRO B 192 31.56 -11.81 27.15
N LEU B 193 30.47 -11.50 27.84
CA LEU B 193 30.10 -10.15 28.22
C LEU B 193 30.29 -10.07 29.74
N ALA B 194 31.41 -9.48 30.15
CA ALA B 194 31.83 -9.43 31.53
C ALA B 194 31.15 -8.28 32.27
N PRO B 195 30.97 -8.40 33.59
CA PRO B 195 30.39 -7.30 34.37
C PRO B 195 31.45 -6.30 34.82
N SER B 196 31.02 -5.30 35.59
CA SER B 196 31.95 -4.30 36.10
C SER B 196 31.39 -3.74 37.41
N SER B 197 32.28 -3.09 38.17
CA SER B 197 31.86 -2.51 39.45
C SER B 197 30.86 -1.38 39.25
N LYS B 198 30.99 -0.65 38.14
CA LYS B 198 30.08 0.46 37.88
C LYS B 198 28.63 0.00 37.69
N SER B 199 28.43 -1.23 37.22
CA SER B 199 27.09 -1.75 36.98
C SER B 199 26.41 -2.25 38.25
N THR B 200 27.11 -2.28 39.38
CA THR B 200 26.53 -2.80 40.61
C THR B 200 25.51 -1.81 41.17
N SER B 201 24.31 -2.32 41.46
CA SER B 201 23.26 -1.53 42.07
C SER B 201 22.25 -2.49 42.70
N GLY B 202 22.03 -2.32 44.00
CA GLY B 202 21.20 -3.27 44.72
C GLY B 202 21.87 -4.60 44.98
N GLY B 203 23.20 -4.66 44.85
CA GLY B 203 23.94 -5.88 45.10
C GLY B 203 23.94 -6.88 43.98
N THR B 204 23.42 -6.53 42.81
CA THR B 204 23.34 -7.44 41.67
C THR B 204 24.06 -6.85 40.47
N ALA B 205 24.87 -7.67 39.81
CA ALA B 205 25.53 -7.31 38.57
C ALA B 205 25.27 -8.38 37.53
N ALA B 206 25.13 -7.96 36.27
CA ALA B 206 24.76 -8.86 35.20
C ALA B 206 25.96 -9.15 34.31
N LEU B 207 26.07 -10.40 33.87
CA LEU B 207 27.05 -10.81 32.87
C LEU B 207 26.37 -11.77 31.91
N GLY B 208 27.11 -12.28 30.93
CA GLY B 208 26.49 -13.22 30.01
C GLY B 208 27.40 -13.63 28.88
N CYS B 209 26.78 -14.25 27.88
CA CYS B 209 27.45 -14.72 26.67
C CYS B 209 26.69 -14.24 25.44
N LEU B 210 27.42 -14.02 24.36
CA LEU B 210 26.85 -13.63 23.08
C LEU B 210 27.19 -14.72 22.06
N VAL B 211 26.16 -15.28 21.44
CA VAL B 211 26.31 -16.29 20.40
C VAL B 211 25.98 -15.62 19.08
N LYS B 212 26.97 -15.46 18.21
CA LYS B 212 26.86 -14.63 17.02
C LYS B 212 27.27 -15.42 15.79
N ASP B 213 26.62 -15.10 14.67
CA ASP B 213 27.02 -15.58 13.35
C ASP B 213 26.99 -17.11 13.28
N TYR B 214 25.86 -17.69 13.69
CA TYR B 214 25.62 -19.11 13.53
C TYR B 214 24.42 -19.32 12.62
N PHE B 215 24.38 -20.50 11.99
CA PHE B 215 23.27 -20.83 11.11
C PHE B 215 23.21 -22.34 10.96
N PRO B 216 22.01 -22.94 10.94
CA PRO B 216 20.70 -22.32 11.14
C PRO B 216 20.22 -22.41 12.59
N GLU B 217 19.04 -21.88 12.87
CA GLU B 217 18.43 -22.01 14.19
C GLU B 217 18.01 -23.45 14.42
N PRO B 218 17.89 -23.87 15.70
CA PRO B 218 18.12 -23.11 16.93
C PRO B 218 19.45 -23.44 17.61
N VAL B 219 19.75 -22.72 18.68
CA VAL B 219 20.92 -23.00 19.52
C VAL B 219 20.46 -22.99 20.97
N THR B 220 21.04 -23.86 21.78
CA THR B 220 20.66 -23.98 23.19
C THR B 220 21.78 -23.44 24.06
N VAL B 221 21.45 -22.47 24.90
CA VAL B 221 22.42 -21.84 25.80
C VAL B 221 22.02 -22.17 27.22
N SER B 222 22.93 -22.79 27.96
CA SER B 222 22.74 -23.12 29.37
C SER B 222 23.86 -22.50 30.18
N TRP B 223 23.69 -22.49 31.50
CA TRP B 223 24.69 -21.92 32.41
C TRP B 223 25.09 -22.96 33.43
N ASN B 224 26.40 -23.20 33.52
CA ASN B 224 26.97 -24.21 34.43
C ASN B 224 26.34 -25.58 34.19
N SER B 225 26.10 -25.90 32.92
CA SER B 225 25.46 -27.14 32.51
C SER B 225 24.10 -27.31 33.17
N GLY B 226 23.35 -26.22 33.30
CA GLY B 226 22.04 -26.24 33.93
C GLY B 226 22.03 -25.99 35.42
N ALA B 227 23.20 -25.86 36.06
CA ALA B 227 23.23 -25.60 37.49
C ALA B 227 22.69 -24.22 37.82
N LEU B 228 23.02 -23.22 37.00
CA LEU B 228 22.56 -21.85 37.22
C LEU B 228 21.35 -21.60 36.32
N THR B 229 20.18 -21.46 36.94
CA THR B 229 18.94 -21.26 36.20
C THR B 229 18.15 -20.04 36.63
N SER B 230 18.48 -19.40 37.75
CA SER B 230 17.72 -18.27 38.23
C SER B 230 18.29 -16.97 37.66
N GLY B 231 17.41 -16.15 37.08
CA GLY B 231 17.84 -14.88 36.53
C GLY B 231 18.44 -14.95 35.15
N VAL B 232 18.24 -16.04 34.43
CA VAL B 232 18.83 -16.24 33.11
C VAL B 232 17.80 -15.84 32.06
N HIS B 233 18.15 -14.88 31.21
CA HIS B 233 17.34 -14.46 30.08
C HIS B 233 18.10 -14.78 28.79
N THR B 234 17.49 -15.56 27.92
CA THR B 234 18.05 -15.89 26.61
C THR B 234 17.16 -15.25 25.55
N PHE B 235 17.66 -14.17 24.95
CA PHE B 235 16.89 -13.39 24.00
C PHE B 235 16.67 -14.16 22.71
N PRO B 236 15.56 -13.91 22.03
CA PRO B 236 15.32 -14.55 20.73
C PRO B 236 16.40 -14.17 19.72
N ALA B 237 16.78 -15.13 18.88
CA ALA B 237 17.77 -14.87 17.86
C ALA B 237 17.23 -13.93 16.79
N VAL B 238 18.06 -12.98 16.38
CA VAL B 238 17.69 -11.99 15.37
C VAL B 238 18.49 -12.28 14.11
N LEU B 239 17.78 -12.33 12.97
CA LEU B 239 18.43 -12.54 11.68
C LEU B 239 19.11 -11.25 11.26
N GLN B 240 20.44 -11.22 11.32
CA GLN B 240 21.20 -10.03 11.01
C GLN B 240 21.13 -9.73 9.52
N SER B 241 21.74 -8.61 9.12
CA SER B 241 21.86 -8.28 7.70
C SER B 241 22.80 -9.23 6.98
N SER B 242 23.62 -9.99 7.71
CA SER B 242 24.52 -10.95 7.10
C SER B 242 23.87 -12.31 6.83
N GLY B 243 22.59 -12.47 7.18
CA GLY B 243 21.93 -13.74 7.00
C GLY B 243 22.21 -14.78 8.06
N LEU B 244 22.93 -14.41 9.12
CA LEU B 244 23.27 -15.32 10.20
C LEU B 244 22.61 -14.85 11.49
N TYR B 245 22.34 -15.79 12.38
CA TYR B 245 21.61 -15.50 13.60
C TYR B 245 22.55 -15.14 14.75
N SER B 246 22.01 -14.41 15.72
CA SER B 246 22.77 -14.01 16.89
C SER B 246 21.80 -13.75 18.03
N LEU B 247 22.18 -14.21 19.23
CA LEU B 247 21.42 -13.97 20.46
C LEU B 247 22.39 -13.78 21.61
N SER B 248 21.83 -13.46 22.77
CA SER B 248 22.60 -13.26 23.99
C SER B 248 21.88 -13.92 25.14
N SER B 249 22.65 -14.55 26.03
CA SER B 249 22.12 -15.13 27.26
C SER B 249 22.79 -14.43 28.42
N VAL B 250 22.00 -13.69 29.21
CA VAL B 250 22.52 -12.86 30.29
C VAL B 250 21.89 -13.30 31.59
N VAL B 251 22.72 -13.42 32.63
CA VAL B 251 22.27 -13.73 33.97
C VAL B 251 22.76 -12.64 34.92
N THR B 252 21.87 -12.20 35.81
CA THR B 252 22.20 -11.24 36.85
C THR B 252 22.42 -11.99 38.15
N VAL B 253 23.60 -11.83 38.74
CA VAL B 253 24.00 -12.55 39.94
C VAL B 253 24.49 -11.56 40.98
N PRO B 254 24.43 -11.93 42.26
CA PRO B 254 24.92 -11.03 43.31
C PRO B 254 26.39 -10.69 43.10
N SER B 255 26.73 -9.43 43.37
CA SER B 255 28.09 -8.96 43.16
C SER B 255 29.06 -9.66 44.10
N SER B 256 28.66 -9.88 45.35
CA SER B 256 29.50 -10.59 46.30
C SER B 256 29.74 -12.04 45.91
N SER B 257 28.87 -12.60 45.07
CA SER B 257 29.00 -13.99 44.64
C SER B 257 29.92 -14.14 43.43
N LEU B 258 30.45 -13.05 42.88
CA LEU B 258 31.35 -13.15 41.73
C LEU B 258 32.64 -13.87 42.10
N GLY B 259 33.18 -13.59 43.28
CA GLY B 259 34.43 -14.19 43.70
C GLY B 259 34.32 -15.60 44.24
N THR B 260 33.10 -16.13 44.36
CA THR B 260 32.89 -17.48 44.87
C THR B 260 32.23 -18.42 43.88
N GLN B 261 31.39 -17.91 42.97
CA GLN B 261 30.68 -18.73 42.00
C GLN B 261 31.32 -18.57 40.63
N THR B 262 31.70 -19.68 40.02
CA THR B 262 32.28 -19.67 38.68
C THR B 262 31.16 -19.75 37.65
N TYR B 263 31.20 -18.85 36.66
CA TYR B 263 30.15 -18.75 35.65
C TYR B 263 30.71 -19.19 34.30
N ILE B 264 30.07 -20.19 33.71
CA ILE B 264 30.42 -20.68 32.38
C ILE B 264 29.14 -20.85 31.58
N CYS B 265 29.16 -20.42 30.32
CA CYS B 265 28.03 -20.59 29.42
C CYS B 265 28.32 -21.74 28.46
N ASN B 266 27.35 -22.64 28.32
CA ASN B 266 27.45 -23.79 27.43
C ASN B 266 26.52 -23.54 26.24
N VAL B 267 27.10 -23.50 25.05
CA VAL B 267 26.38 -23.24 23.81
C VAL B 267 26.41 -24.51 22.99
N ASN B 268 25.24 -25.04 22.67
CA ASN B 268 25.10 -26.27 21.89
C ASN B 268 24.33 -25.95 20.63
N HIS B 269 24.99 -26.11 19.48
CA HIS B 269 24.40 -25.87 18.17
C HIS B 269 24.29 -27.23 17.48
N LYS B 270 23.10 -27.83 17.57
CA LYS B 270 22.91 -29.16 17.00
C LYS B 270 23.08 -29.22 15.48
N PRO B 271 22.56 -28.29 14.68
CA PRO B 271 22.77 -28.40 13.21
C PRO B 271 24.23 -28.47 12.81
N SER B 272 25.11 -27.74 13.49
CA SER B 272 26.54 -27.85 13.28
C SER B 272 27.19 -28.82 14.26
N ASN B 273 26.44 -29.34 15.24
CA ASN B 273 26.94 -30.28 16.23
C ASN B 273 28.16 -29.72 16.96
N THR B 274 28.03 -28.49 17.45
CA THR B 274 29.13 -27.78 18.08
C THR B 274 28.80 -27.49 19.53
N LYS B 275 29.73 -27.81 20.42
CA LYS B 275 29.60 -27.50 21.85
C LYS B 275 30.74 -26.57 22.26
N VAL B 276 30.38 -25.40 22.79
CA VAL B 276 31.35 -24.40 23.21
C VAL B 276 31.07 -24.02 24.65
N ASP B 277 32.05 -24.22 25.52
CA ASP B 277 31.94 -23.84 26.92
C ASP B 277 32.86 -22.66 27.17
N LYS B 278 32.29 -21.50 27.47
CA LYS B 278 33.05 -20.26 27.62
C LYS B 278 32.89 -19.72 29.02
N LYS B 279 34.01 -19.44 29.68
CA LYS B 279 34.00 -18.90 31.03
C LYS B 279 33.77 -17.38 30.98
N VAL B 280 32.87 -16.88 31.80
CA VAL B 280 32.56 -15.47 31.87
C VAL B 280 33.03 -14.95 33.23
N GLU B 281 33.91 -13.94 33.20
CA GLU B 281 34.47 -13.39 34.42
C GLU B 281 34.81 -11.93 34.14
N PRO B 282 34.60 -11.03 35.10
CA PRO B 282 35.03 -9.64 34.92
C PRO B 282 36.53 -9.55 34.73
N LYS B 283 36.96 -9.01 33.58
CA LYS B 283 38.38 -8.98 33.24
C LYS B 283 39.17 -8.12 34.20
N SER B 284 40.07 -8.75 34.94
CA SER B 284 40.91 -8.04 35.91
C SER B 284 42.31 -7.78 35.34
N SER C 49 -1.16 -4.66 20.71
CA SER C 49 -0.84 -5.25 22.00
C SER C 49 -1.48 -4.49 23.14
N LEU C 50 -2.13 -5.20 24.05
CA LEU C 50 -2.76 -4.62 25.21
C LEU C 50 -2.52 -5.50 26.43
N SER C 51 -2.75 -4.95 27.61
CA SER C 51 -2.50 -5.64 28.87
C SER C 51 -3.77 -5.64 29.71
N ALA C 52 -4.05 -6.76 30.37
CA ALA C 52 -5.19 -6.87 31.25
C ALA C 52 -4.94 -8.02 32.23
N SER C 53 -5.24 -7.79 33.50
CA SER C 53 -4.97 -8.78 34.54
C SER C 53 -6.05 -9.87 34.54
N VAL C 54 -5.77 -10.94 35.28
CA VAL C 54 -6.68 -12.08 35.35
C VAL C 54 -8.01 -11.62 35.94
N GLY C 55 -9.09 -12.02 35.29
CA GLY C 55 -10.42 -11.66 35.72
C GLY C 55 -10.97 -10.38 35.12
N ASP C 56 -10.16 -9.64 34.36
CA ASP C 56 -10.62 -8.40 33.76
C ASP C 56 -11.35 -8.66 32.46
N ARG C 57 -12.42 -7.90 32.23
CA ARG C 57 -13.11 -7.95 30.95
C ARG C 57 -12.27 -7.24 29.89
N VAL C 58 -12.12 -7.87 28.73
CA VAL C 58 -11.26 -7.36 27.67
C VAL C 58 -12.06 -7.23 26.39
N THR C 59 -11.66 -6.28 25.55
CA THR C 59 -12.30 -6.03 24.27
C THR C 59 -11.20 -5.86 23.21
N ILE C 60 -11.16 -6.78 22.25
CA ILE C 60 -10.22 -6.72 21.14
C ILE C 60 -10.99 -6.28 19.89
N THR C 61 -10.49 -5.25 19.22
CA THR C 61 -11.21 -4.62 18.12
C THR C 61 -10.45 -4.84 16.81
N CYS C 62 -11.17 -5.27 15.79
CA CYS C 62 -10.63 -5.50 14.45
C CYS C 62 -11.31 -4.55 13.48
N ARG C 63 -10.54 -3.98 12.57
CA ARG C 63 -11.02 -2.94 11.66
C ARG C 63 -11.24 -3.52 10.27
N ALA C 64 -12.44 -3.32 9.73
CA ALA C 64 -12.76 -3.77 8.39
C ALA C 64 -13.90 -2.91 7.84
N SER C 65 -13.83 -2.63 6.55
CA SER C 65 -14.81 -1.73 5.92
C SER C 65 -16.09 -2.44 5.51
N GLN C 66 -16.15 -3.76 5.62
CA GLN C 66 -17.34 -4.50 5.20
C GLN C 66 -18.49 -4.27 6.17
N SER C 67 -19.71 -4.34 5.64
CA SER C 67 -20.92 -4.14 6.42
C SER C 67 -21.81 -5.38 6.38
N VAL C 68 -21.27 -6.50 5.90
CA VAL C 68 -22.00 -7.77 5.87
C VAL C 68 -22.12 -8.31 7.29
N SER C 69 -22.92 -9.36 7.44
CA SER C 69 -23.14 -9.97 8.75
C SER C 69 -21.82 -10.31 9.43
N SER C 70 -21.85 -10.36 10.76
CA SER C 70 -20.64 -10.52 11.55
C SER C 70 -20.10 -11.94 11.50
N ALA C 71 -19.73 -12.40 10.31
CA ALA C 71 -19.12 -13.71 10.15
C ALA C 71 -17.60 -13.59 10.22
N VAL C 72 -17.10 -13.01 11.30
CA VAL C 72 -15.67 -12.81 11.49
C VAL C 72 -15.18 -13.86 12.48
N ALA C 73 -14.22 -14.68 12.06
CA ALA C 73 -13.67 -15.71 12.92
C ALA C 73 -12.51 -15.16 13.72
N TRP C 74 -12.44 -15.53 15.00
CA TRP C 74 -11.40 -15.06 15.90
C TRP C 74 -10.49 -16.23 16.28
N TYR C 75 -9.20 -16.06 16.07
CA TYR C 75 -8.21 -17.10 16.32
C TYR C 75 -7.34 -16.69 17.51
N GLN C 76 -7.22 -17.57 18.50
CA GLN C 76 -6.39 -17.33 19.66
C GLN C 76 -5.14 -18.18 19.55
N GLN C 77 -4.06 -17.58 19.04
CA GLN C 77 -2.78 -18.26 18.91
C GLN C 77 -1.96 -18.01 20.18
N LYS C 78 -1.82 -19.06 20.98
CA LYS C 78 -0.87 -19.00 22.07
C LYS C 78 0.55 -19.04 21.50
N PRO C 79 1.50 -18.31 22.10
CA PRO C 79 2.84 -18.26 21.52
C PRO C 79 3.46 -19.64 21.38
N GLY C 80 4.06 -19.89 20.21
CA GLY C 80 4.71 -21.16 19.96
C GLY C 80 3.79 -22.32 19.67
N LYS C 81 2.62 -22.06 19.08
CA LYS C 81 1.69 -23.13 18.75
C LYS C 81 0.78 -22.67 17.62
N ALA C 82 0.07 -23.64 17.04
CA ALA C 82 -0.86 -23.33 15.97
C ALA C 82 -2.06 -22.56 16.51
N PRO C 83 -2.68 -21.69 15.72
CA PRO C 83 -3.82 -20.92 16.21
C PRO C 83 -5.02 -21.82 16.51
N LYS C 84 -5.92 -21.28 17.33
CA LYS C 84 -7.13 -21.98 17.74
C LYS C 84 -8.34 -21.11 17.43
N LEU C 85 -9.30 -21.68 16.70
CA LEU C 85 -10.51 -20.94 16.38
C LEU C 85 -11.41 -20.83 17.62
N LEU C 86 -11.95 -19.63 17.84
CA LEU C 86 -12.83 -19.40 18.98
C LEU C 86 -14.30 -19.44 18.55
N SER C 99 -17.11 -20.18 27.03
CA SER C 99 -18.24 -19.39 26.58
C SER C 99 -18.02 -17.91 26.87
N ARG C 100 -16.90 -17.60 27.52
CA ARG C 100 -16.59 -16.21 27.85
C ARG C 100 -16.34 -15.38 26.59
N PHE C 101 -15.68 -15.97 25.60
CA PHE C 101 -15.45 -15.26 24.33
C PHE C 101 -16.78 -15.00 23.65
N SER C 102 -17.06 -13.73 23.36
CA SER C 102 -18.31 -13.35 22.73
C SER C 102 -18.03 -12.37 21.60
N GLY C 103 -18.81 -12.49 20.53
CA GLY C 103 -18.67 -11.58 19.42
C GLY C 103 -19.60 -10.38 19.52
N SER C 104 -19.18 -9.29 18.89
CA SER C 104 -19.98 -8.06 18.88
C SER C 104 -19.54 -7.23 17.69
N ARG C 105 -20.34 -6.22 17.37
CA ARG C 105 -20.03 -5.32 16.28
C ARG C 105 -20.35 -3.90 16.67
N SER C 106 -19.54 -2.96 16.16
CA SER C 106 -19.76 -1.54 16.37
C SER C 106 -19.35 -0.82 15.09
N GLY C 107 -20.32 -0.57 14.22
CA GLY C 107 -20.03 0.03 12.93
C GLY C 107 -19.12 -0.83 12.08
N THR C 108 -17.95 -0.29 11.72
CA THR C 108 -16.99 -1.03 10.94
C THR C 108 -16.12 -1.95 11.79
N ASP C 109 -16.30 -1.93 13.11
CA ASP C 109 -15.41 -2.65 14.03
C ASP C 109 -16.05 -3.96 14.44
N PHE C 110 -15.26 -5.03 14.42
CA PHE C 110 -15.67 -6.32 14.96
C PHE C 110 -14.94 -6.57 16.27
N THR C 111 -15.69 -6.89 17.32
CA THR C 111 -15.16 -6.88 18.68
C THR C 111 -15.29 -8.27 19.28
N LEU C 112 -14.20 -8.73 19.91
CA LEU C 112 -14.22 -9.94 20.72
C LEU C 112 -14.11 -9.55 22.19
N THR C 113 -15.09 -9.97 22.98
CA THR C 113 -15.15 -9.62 24.40
C THR C 113 -14.85 -10.87 25.21
N ILE C 114 -13.90 -10.75 26.13
CA ILE C 114 -13.61 -11.78 27.12
C ILE C 114 -14.16 -11.28 28.45
N SER C 115 -15.25 -11.90 28.90
CA SER C 115 -15.96 -11.42 30.09
C SER C 115 -15.07 -11.51 31.33
N SER C 116 -14.33 -12.61 31.47
CA SER C 116 -13.46 -12.82 32.63
C SER C 116 -12.21 -13.54 32.14
N LEU C 117 -11.06 -12.90 32.29
CA LEU C 117 -9.81 -13.49 31.81
C LEU C 117 -9.45 -14.71 32.64
N GLN C 118 -8.61 -15.56 32.05
CA GLN C 118 -8.05 -16.74 32.68
C GLN C 118 -6.61 -16.88 32.24
N PRO C 119 -5.78 -17.60 33.02
CA PRO C 119 -4.34 -17.60 32.72
C PRO C 119 -3.97 -18.11 31.35
N GLU C 120 -4.82 -18.90 30.70
CA GLU C 120 -4.52 -19.40 29.37
C GLU C 120 -5.09 -18.53 28.25
N ASP C 121 -5.65 -17.36 28.59
CA ASP C 121 -6.20 -16.46 27.58
C ASP C 121 -5.22 -15.36 27.17
N PHE C 122 -3.99 -15.38 27.66
CA PHE C 122 -2.98 -14.39 27.28
C PHE C 122 -2.28 -14.88 26.02
N ALA C 123 -2.91 -14.58 24.87
CA ALA C 123 -2.41 -15.02 23.58
C ALA C 123 -2.66 -13.92 22.55
N THR C 124 -2.29 -14.20 21.31
CA THR C 124 -2.46 -13.25 20.22
C THR C 124 -3.74 -13.57 19.46
N TYR C 125 -4.60 -12.57 19.27
CA TYR C 125 -5.92 -12.77 18.67
C TYR C 125 -5.94 -12.17 17.28
N TYR C 126 -6.27 -13.00 16.29
CA TYR C 126 -6.36 -12.60 14.90
C TYR C 126 -7.79 -12.67 14.41
N CYS C 127 -8.31 -11.66 13.74
CA CYS C 127 -9.65 -11.81 13.16
C CYS C 127 -9.45 -12.39 11.79
N GLN C 128 -10.48 -12.85 11.12
CA GLN C 128 -10.33 -13.19 9.70
C GLN C 128 -11.14 -12.11 9.02
N GLN C 129 -10.56 -10.96 8.68
CA GLN C 129 -11.34 -9.80 8.21
C GLN C 129 -12.49 -10.21 7.30
N PRO C 130 -13.67 -9.53 7.34
CA PRO C 130 -14.79 -9.88 6.49
C PRO C 130 -14.43 -10.02 5.02
N TRP C 131 -15.33 -10.53 4.19
CA TRP C 131 -14.95 -10.97 2.83
C TRP C 131 -13.77 -11.85 3.14
N SER C 132 -14.05 -13.03 3.67
CA SER C 132 -13.00 -14.04 3.90
C SER C 132 -13.66 -15.37 3.57
N TRP C 133 -14.55 -15.36 2.60
CA TRP C 133 -15.37 -16.54 2.38
C TRP C 133 -16.27 -16.43 1.17
N GLY C 134 -15.70 -16.48 -0.03
CA GLY C 134 -16.48 -16.80 -1.24
C GLY C 134 -16.13 -18.30 -1.35
N SER C 135 -15.56 -18.91 -0.26
CA SER C 135 -15.03 -20.28 -0.04
C SER C 135 -13.59 -20.05 0.44
N ALA C 136 -12.86 -19.02 -0.11
CA ALA C 136 -11.42 -18.69 0.18
C ALA C 136 -10.93 -17.28 -0.10
N LEU C 137 -9.91 -16.81 0.62
CA LEU C 137 -9.26 -15.47 0.65
C LEU C 137 -9.34 -15.22 2.17
N ILE C 138 -8.28 -15.46 2.96
CA ILE C 138 -8.48 -15.49 4.40
C ILE C 138 -7.55 -14.45 5.00
N THR C 139 -7.98 -13.19 4.99
CA THR C 139 -7.13 -12.07 5.38
C THR C 139 -7.21 -11.88 6.89
N PHE C 140 -6.21 -12.38 7.60
CA PHE C 140 -6.18 -12.23 9.05
C PHE C 140 -5.75 -10.82 9.43
N GLY C 141 -6.19 -10.38 10.60
CA GLY C 141 -5.77 -9.10 11.12
C GLY C 141 -4.33 -9.13 11.60
N GLN C 142 -3.81 -7.94 11.91
CA GLN C 142 -2.43 -7.84 12.36
C GLN C 142 -2.22 -8.45 13.74
N GLY C 143 -3.29 -8.76 14.48
CA GLY C 143 -3.17 -9.47 15.72
C GLY C 143 -3.01 -8.60 16.95
N THR C 144 -3.80 -8.87 17.98
CA THR C 144 -3.72 -8.16 19.25
C THR C 144 -3.19 -9.12 20.31
N LYS C 145 -2.11 -8.73 20.98
CA LYS C 145 -1.48 -9.57 21.99
C LYS C 145 -1.94 -9.12 23.36
N VAL C 146 -2.53 -10.04 24.12
CA VAL C 146 -3.00 -9.78 25.47
C VAL C 146 -1.90 -10.17 26.44
N GLU C 147 -1.49 -9.24 27.28
CA GLU C 147 -0.40 -9.43 28.24
C GLU C 147 -0.93 -9.38 29.66
N ILE C 148 -0.01 -9.49 30.61
CA ILE C 148 -0.34 -9.40 32.02
C ILE C 148 -0.09 -7.98 32.51
N LYS C 149 -0.87 -7.54 33.50
CA LYS C 149 -0.69 -6.25 34.13
C LYS C 149 -0.03 -6.49 35.49
N ARG C 150 1.16 -5.92 35.69
CA ARG C 150 2.02 -6.34 36.79
C ARG C 150 2.67 -5.13 37.46
N THR C 151 2.23 -3.88 37.26
CA THR C 151 2.82 -2.70 38.01
C THR C 151 4.14 -2.24 37.43
N VAL C 152 4.22 -1.03 36.89
CA VAL C 152 5.41 -0.59 36.17
C VAL C 152 6.65 -0.78 37.01
N ALA C 153 7.68 -1.39 36.40
CA ALA C 153 8.99 -1.53 37.01
C ALA C 153 10.04 -0.98 36.07
N ALA C 154 10.94 -0.16 36.60
CA ALA C 154 11.95 0.49 35.76
C ALA C 154 13.00 -0.53 35.32
N PRO C 155 13.53 -0.41 34.11
CA PRO C 155 14.56 -1.36 33.66
C PRO C 155 15.85 -1.19 34.42
N SER C 156 16.56 -2.30 34.60
CA SER C 156 17.93 -2.31 35.10
C SER C 156 18.84 -2.33 33.88
N VAL C 157 19.60 -1.25 33.68
CA VAL C 157 20.36 -1.06 32.46
C VAL C 157 21.83 -1.40 32.72
N PHE C 158 22.39 -2.27 31.90
CA PHE C 158 23.81 -2.57 31.90
C PHE C 158 24.36 -2.44 30.49
N ILE C 159 25.64 -2.14 30.37
CA ILE C 159 26.31 -2.09 29.08
C ILE C 159 27.49 -3.06 29.11
N PHE C 160 27.58 -3.91 28.10
CA PHE C 160 28.62 -4.91 27.98
C PHE C 160 29.53 -4.55 26.81
N PRO C 161 30.81 -4.27 27.07
CA PRO C 161 31.73 -3.97 25.98
C PRO C 161 32.03 -5.22 25.18
N PRO C 162 32.41 -5.07 23.91
CA PRO C 162 32.83 -6.25 23.13
C PRO C 162 34.06 -6.89 23.75
N SER C 163 34.10 -8.22 23.69
CA SER C 163 35.22 -8.96 24.26
C SER C 163 36.43 -8.89 23.33
N ASP C 164 37.60 -9.18 23.90
CA ASP C 164 38.83 -9.19 23.12
C ASP C 164 38.79 -10.27 22.04
N SER C 165 38.11 -11.39 22.31
CA SER C 165 37.98 -12.45 21.30
C SER C 165 37.23 -11.93 20.08
N GLN C 166 36.17 -11.15 20.29
CA GLN C 166 35.44 -10.58 19.17
C GLN C 166 36.26 -9.50 18.47
N LEU C 167 37.00 -8.69 19.23
CA LEU C 167 37.86 -7.69 18.64
C LEU C 167 38.93 -8.31 17.75
N LYS C 168 39.37 -9.52 18.09
CA LYS C 168 40.30 -10.25 17.24
C LYS C 168 39.64 -10.74 15.95
N SER C 169 38.31 -10.70 15.87
CA SER C 169 37.57 -11.17 14.71
C SER C 169 37.21 -10.07 13.72
N GLY C 170 37.63 -8.83 13.97
CA GLY C 170 37.35 -7.73 13.06
C GLY C 170 36.06 -6.99 13.31
N THR C 171 35.29 -7.34 14.34
CA THR C 171 34.04 -6.68 14.65
C THR C 171 33.98 -6.38 16.14
N ALA C 172 33.00 -5.56 16.52
CA ALA C 172 32.72 -5.28 17.93
C ALA C 172 31.22 -5.18 18.13
N SER C 173 30.70 -5.86 19.14
CA SER C 173 29.31 -5.75 19.53
C SER C 173 29.23 -5.21 20.96
N VAL C 174 28.55 -4.09 21.12
CA VAL C 174 28.28 -3.49 22.43
C VAL C 174 26.84 -3.83 22.80
N VAL C 175 26.65 -4.51 23.93
CA VAL C 175 25.35 -5.08 24.27
C VAL C 175 24.74 -4.30 25.41
N CYS C 176 23.63 -3.60 25.16
CA CYS C 176 22.90 -2.90 26.20
C CYS C 176 21.75 -3.78 26.65
N LEU C 177 21.75 -4.12 27.94
CA LEU C 177 20.78 -5.03 28.53
C LEU C 177 19.83 -4.25 29.43
N LEU C 178 18.55 -4.28 29.10
CA LEU C 178 17.48 -3.75 29.92
C LEU C 178 16.79 -4.94 30.59
N ASN C 179 16.93 -5.07 31.90
CA ASN C 179 16.48 -6.25 32.61
C ASN C 179 15.26 -5.92 33.47
N ASN C 180 14.29 -6.83 33.48
CA ASN C 180 13.19 -6.83 34.44
C ASN C 180 12.46 -5.49 34.45
N PHE C 181 11.85 -5.18 33.31
CA PHE C 181 11.08 -3.95 33.16
C PHE C 181 9.68 -4.26 32.65
N TYR C 182 8.77 -3.33 32.95
CA TYR C 182 7.38 -3.37 32.49
C TYR C 182 6.85 -1.96 32.52
N PRO C 183 6.07 -1.53 31.51
CA PRO C 183 5.60 -2.28 30.33
C PRO C 183 6.67 -2.49 29.27
N ARG C 184 6.31 -3.16 28.18
CA ARG C 184 7.27 -3.51 27.14
C ARG C 184 7.87 -2.28 26.48
N GLU C 185 7.12 -1.18 26.40
CA GLU C 185 7.53 -0.01 25.65
C GLU C 185 8.72 0.67 26.31
N ALA C 186 9.92 0.39 25.80
CA ALA C 186 11.14 1.06 26.21
C ALA C 186 11.93 1.47 24.97
N LYS C 187 12.65 2.59 25.06
CA LYS C 187 13.40 3.13 23.94
C LYS C 187 14.88 3.12 24.27
N VAL C 188 15.68 2.60 23.34
CA VAL C 188 17.12 2.48 23.51
C VAL C 188 17.80 3.28 22.40
N GLN C 189 18.74 4.14 22.79
CA GLN C 189 19.49 4.95 21.83
C GLN C 189 20.98 4.80 22.11
N TRP C 190 21.76 4.72 21.03
CA TRP C 190 23.20 4.54 21.15
C TRP C 190 23.91 5.85 20.84
N LYS C 191 24.82 6.25 21.73
CA LYS C 191 25.60 7.47 21.57
C LYS C 191 27.08 7.12 21.57
N VAL C 192 27.76 7.46 20.48
CA VAL C 192 29.18 7.20 20.32
C VAL C 192 29.89 8.53 20.20
N ASP C 193 30.74 8.86 21.18
CA ASP C 193 31.34 10.19 21.28
C ASP C 193 30.27 11.26 21.27
N ASN C 194 29.20 11.04 22.02
CA ASN C 194 28.01 11.88 22.11
C ASN C 194 27.28 12.03 20.78
N ALA C 195 27.59 11.20 19.78
CA ALA C 195 26.91 11.24 18.49
C ALA C 195 25.93 10.08 18.40
N LEU C 196 24.70 10.39 18.00
CA LEU C 196 23.65 9.38 17.94
C LEU C 196 23.92 8.38 16.83
N GLN C 197 23.47 7.14 17.04
CA GLN C 197 23.61 6.07 16.07
C GLN C 197 22.23 5.63 15.58
N SER C 198 22.20 5.12 14.35
CA SER C 198 20.95 4.65 13.76
C SER C 198 21.26 3.60 12.71
N GLY C 199 20.49 2.51 12.71
CA GLY C 199 20.62 1.46 11.73
C GLY C 199 21.70 0.45 12.00
N ASN C 200 22.47 0.61 13.07
CA ASN C 200 23.55 -0.32 13.40
C ASN C 200 23.32 -1.00 14.74
N SER C 201 22.07 -1.04 15.22
CA SER C 201 21.72 -1.69 16.48
C SER C 201 20.51 -2.58 16.26
N GLN C 202 20.58 -3.79 16.79
CA GLN C 202 19.49 -4.75 16.71
C GLN C 202 18.95 -5.01 18.11
N GLU C 203 17.62 -4.98 18.25
CA GLU C 203 16.97 -5.12 19.56
C GLU C 203 16.18 -6.41 19.62
N SER C 204 16.48 -7.23 20.63
CA SER C 204 15.77 -8.48 20.86
C SER C 204 15.10 -8.42 22.23
N VAL C 205 13.81 -8.69 22.27
CA VAL C 205 13.01 -8.60 23.50
C VAL C 205 12.48 -9.99 23.83
N THR C 206 12.70 -10.42 25.07
CA THR C 206 12.15 -11.68 25.53
C THR C 206 10.63 -11.58 25.71
N GLU C 207 9.98 -12.74 25.72
CA GLU C 207 8.58 -12.80 26.06
C GLU C 207 8.39 -12.47 27.53
N GLN C 208 7.16 -12.13 27.90
CA GLN C 208 6.85 -11.84 29.29
C GLN C 208 7.17 -13.04 30.16
N ASP C 209 7.86 -12.78 31.27
CA ASP C 209 8.35 -13.86 32.12
C ASP C 209 7.20 -14.65 32.74
N SER C 210 7.51 -15.86 33.19
CA SER C 210 6.51 -16.75 33.76
C SER C 210 6.29 -16.51 35.25
N LYS C 211 7.34 -16.11 35.97
CA LYS C 211 7.23 -15.92 37.43
C LYS C 211 6.82 -14.49 37.78
N ASP C 212 7.63 -13.51 37.39
CA ASP C 212 7.37 -12.12 37.74
C ASP C 212 6.80 -11.30 36.58
N SER C 213 6.73 -11.88 35.37
CA SER C 213 6.12 -11.26 34.21
C SER C 213 6.82 -9.98 33.76
N THR C 214 8.14 -9.88 33.96
CA THR C 214 8.89 -8.72 33.51
C THR C 214 9.64 -9.04 32.22
N TYR C 215 9.86 -8.00 31.41
CA TYR C 215 10.51 -8.16 30.12
C TYR C 215 12.02 -8.05 30.23
N SER C 216 12.69 -8.19 29.09
CA SER C 216 14.12 -7.97 28.98
C SER C 216 14.44 -7.67 27.53
N LEU C 217 15.25 -6.65 27.32
CA LEU C 217 15.61 -6.17 26.00
C LEU C 217 17.12 -6.15 25.87
N SER C 218 17.61 -6.43 24.67
CA SER C 218 19.05 -6.37 24.39
C SER C 218 19.22 -5.63 23.08
N SER C 219 19.89 -4.48 23.15
CA SER C 219 20.24 -3.71 21.96
C SER C 219 21.73 -3.92 21.70
N THR C 220 22.05 -4.62 20.62
CA THR C 220 23.42 -4.90 20.25
C THR C 220 23.83 -3.95 19.14
N LEU C 221 24.87 -3.17 19.40
CA LEU C 221 25.47 -2.27 18.42
C LEU C 221 26.64 -3.00 17.78
N THR C 222 26.53 -3.27 16.48
CA THR C 222 27.57 -3.98 15.73
C THR C 222 28.33 -2.98 14.89
N LEU C 223 29.63 -2.87 15.14
CA LEU C 223 30.51 -1.94 14.44
C LEU C 223 31.73 -2.69 13.94
N SER C 224 32.37 -2.15 12.90
CA SER C 224 33.63 -2.70 12.46
C SER C 224 34.72 -2.42 13.50
N LYS C 225 35.79 -3.22 13.46
CA LYS C 225 36.87 -3.05 14.41
C LYS C 225 37.52 -1.67 14.25
N ALA C 226 37.71 -1.23 13.01
CA ALA C 226 38.23 0.11 12.77
C ALA C 226 37.27 1.17 13.31
N ASP C 227 35.98 1.02 13.05
CA ASP C 227 35.00 1.96 13.59
C ASP C 227 34.94 1.89 15.11
N TYR C 228 35.11 0.70 15.68
CA TYR C 228 35.14 0.57 17.13
C TYR C 228 36.32 1.33 17.73
N GLU C 229 37.50 1.20 17.12
CA GLU C 229 38.69 1.84 17.66
C GLU C 229 38.78 3.31 17.30
N LYS C 230 37.98 3.78 16.34
CA LYS C 230 38.01 5.21 16.00
C LYS C 230 37.49 6.07 17.13
N HIS C 231 36.65 5.52 18.00
CA HIS C 231 35.97 6.27 19.04
C HIS C 231 36.42 5.82 20.42
N LYS C 232 36.02 6.60 21.43
CA LYS C 232 36.47 6.38 22.80
C LYS C 232 35.34 6.01 23.75
N VAL C 233 34.27 6.81 23.81
CA VAL C 233 33.21 6.61 24.78
C VAL C 233 32.03 5.93 24.09
N TYR C 234 31.32 5.09 24.82
CA TYR C 234 30.16 4.37 24.32
C TYR C 234 29.04 4.45 25.35
N ALA C 235 27.87 4.91 24.94
CA ALA C 235 26.77 5.09 25.88
C ALA C 235 25.48 4.51 25.31
N CYS C 236 24.71 3.87 26.17
CA CYS C 236 23.36 3.42 25.85
C CYS C 236 22.40 4.16 26.75
N GLU C 237 21.51 4.96 26.14
CA GLU C 237 20.51 5.71 26.88
C GLU C 237 19.18 4.97 26.76
N VAL C 238 18.49 4.86 27.89
CA VAL C 238 17.24 4.13 28.00
C VAL C 238 16.17 5.09 28.49
N THR C 239 15.07 5.19 27.74
CA THR C 239 13.91 5.96 28.13
C THR C 239 12.75 5.00 28.33
N HIS C 240 12.19 4.99 29.53
CA HIS C 240 11.09 4.11 29.87
C HIS C 240 10.06 4.89 30.66
N GLN C 241 8.80 4.46 30.56
CA GLN C 241 7.72 5.16 31.25
C GLN C 241 7.90 5.12 32.77
N GLY C 242 8.59 4.10 33.28
CA GLY C 242 8.89 3.98 34.68
C GLY C 242 10.09 4.77 35.16
N LEU C 243 10.78 5.46 34.25
CA LEU C 243 11.96 6.24 34.58
C LEU C 243 11.63 7.72 34.48
N SER C 244 11.95 8.47 35.55
CA SER C 244 11.74 9.91 35.52
C SER C 244 12.61 10.57 34.47
N SER C 245 13.86 10.14 34.36
CA SER C 245 14.78 10.61 33.33
C SER C 245 15.47 9.42 32.69
N PRO C 246 15.78 9.51 31.39
CA PRO C 246 16.49 8.41 30.74
C PRO C 246 17.83 8.15 31.40
N VAL C 247 18.18 6.88 31.52
CA VAL C 247 19.41 6.46 32.18
C VAL C 247 20.43 6.07 31.12
N THR C 248 21.63 6.63 31.20
CA THR C 248 22.68 6.41 30.22
C THR C 248 23.79 5.59 30.87
N LYS C 249 23.87 4.32 30.52
CA LYS C 249 24.96 3.46 30.97
C LYS C 249 26.06 3.50 29.93
N SER C 250 27.27 3.86 30.35
CA SER C 250 28.35 4.14 29.41
C SER C 250 29.65 3.57 29.93
N PHE C 251 30.61 3.44 29.01
CA PHE C 251 31.96 3.02 29.33
C PHE C 251 32.94 3.63 28.34
N ASN C 252 34.18 3.78 28.78
CA ASN C 252 35.24 4.36 27.97
C ASN C 252 36.13 3.26 27.43
N ARG C 253 36.45 3.32 26.14
CA ARG C 253 37.31 2.32 25.52
C ARG C 253 38.69 2.33 26.19
N GLY C 254 39.16 1.13 26.55
CA GLY C 254 40.45 0.98 27.19
C GLY C 254 40.44 1.16 28.69
N GLU C 255 39.36 1.67 29.27
CA GLU C 255 39.26 1.87 30.70
C GLU C 255 38.57 0.65 31.32
N CYS C 256 39.31 -0.08 32.15
CA CYS C 256 38.78 -1.29 32.79
C CYS C 256 38.10 -0.95 34.11
#